data_4BB5
#
_entry.id   4BB5
#
_cell.length_a   48.781
_cell.length_b   132.482
_cell.length_c   154.819
_cell.angle_alpha   90.00
_cell.angle_beta   90.00
_cell.angle_gamma   90.00
#
_symmetry.space_group_name_H-M   'P 21 21 21'
#
loop_
_entity.id
_entity.type
_entity.pdbx_description
1 polymer 'CORTICOSTEROID 11-BETA-DEHYDROGENASE ISOZYME 1'
2 non-polymer 'NADP NICOTINAMIDE-ADENINE-DINUCLEOTIDE PHOSPHATE'
3 non-polymer 4-cyclopentyl-N-[(1S,3R)-5-oxidanyl-2-adamantyl]-2-[[(3S)-oxolan-3-yl]amino]pyrimidine-5-carboxamide
4 water water
#
_entity_poly.entity_id   1
_entity_poly.type   'polypeptide(L)'
_entity_poly.pdbx_seq_one_letter_code
;MAFMKKYLLPILGLFMAYYYYSANEEFRPEMLQGKKVIVTGASKGIGREMAYHLAKMGAHVVVTARSKETLQKVVSHCLE
LGAASAHYIAGTMEDMTFAEQFVAQAGKLMGGLDMLILNHITNTSLNLFHDDIHHVRKSMEVNFLSYVVLTVAALPMLKQ
SNGSIVVVSSLAGKVAYPLVAAYSASKFALDGFFSSIRKEYSVSRVNVSITLCVLGLIDTETAMKAVSGIVHMQAAPKEE
CALEIIKGGALRQEEVYYDSSRWTTLLIRNPSRKILEELYSTSYNMDRFINK
;
_entity_poly.pdbx_strand_id   A,B,C,D
#
# COMPACT_ATOMS: atom_id res chain seq x y z
N PHE A 27 -3.81 -43.77 -14.33
CA PHE A 27 -4.99 -42.95 -14.07
C PHE A 27 -6.28 -43.49 -14.72
N ARG A 28 -7.43 -43.32 -14.03
CA ARG A 28 -8.78 -43.66 -14.46
C ARG A 28 -9.77 -42.55 -13.99
N PRO A 29 -10.81 -42.21 -14.78
CA PRO A 29 -11.76 -41.14 -14.36
C PRO A 29 -12.47 -41.38 -13.02
N GLU A 30 -12.49 -42.65 -12.54
CA GLU A 30 -13.06 -43.11 -11.28
C GLU A 30 -12.35 -42.49 -10.08
N MET A 31 -11.06 -42.15 -10.22
CA MET A 31 -10.27 -41.52 -9.15
C MET A 31 -10.87 -40.17 -8.67
N LEU A 32 -11.62 -39.51 -9.56
CA LEU A 32 -12.26 -38.22 -9.28
C LEU A 32 -13.74 -38.30 -8.91
N GLN A 33 -14.38 -39.47 -9.10
CA GLN A 33 -15.80 -39.65 -8.79
C GLN A 33 -16.09 -39.35 -7.33
N GLY A 34 -17.02 -38.42 -7.11
CA GLY A 34 -17.42 -37.98 -5.78
C GLY A 34 -16.39 -37.15 -5.02
N LYS A 35 -15.25 -36.80 -5.65
CA LYS A 35 -14.22 -35.95 -5.03
C LYS A 35 -14.70 -34.52 -4.98
N LYS A 36 -14.29 -33.78 -3.94
CA LYS A 36 -14.70 -32.40 -3.71
C LYS A 36 -13.59 -31.48 -4.21
N VAL A 37 -13.84 -30.82 -5.36
CA VAL A 37 -12.83 -30.04 -6.06
C VAL A 37 -13.19 -28.56 -6.26
N ILE A 38 -12.25 -27.67 -5.95
CA ILE A 38 -12.35 -26.25 -6.25
C ILE A 38 -11.50 -26.00 -7.50
N VAL A 39 -12.04 -25.25 -8.47
CA VAL A 39 -11.31 -24.82 -9.67
C VAL A 39 -11.44 -23.30 -9.75
N THR A 40 -10.30 -22.58 -9.67
CA THR A 40 -10.31 -21.11 -9.79
C THR A 40 -10.09 -20.76 -11.25
N GLY A 41 -10.41 -19.52 -11.64
CA GLY A 41 -10.28 -19.08 -13.04
C GLY A 41 -10.98 -20.06 -13.96
N ALA A 42 -12.18 -20.49 -13.56
CA ALA A 42 -12.93 -21.56 -14.23
C ALA A 42 -14.07 -21.13 -15.17
N SER A 43 -14.17 -19.83 -15.48
CA SER A 43 -15.22 -19.31 -16.37
C SER A 43 -14.84 -19.51 -17.83
N LYS A 44 -13.52 -19.71 -18.10
CA LYS A 44 -13.00 -19.92 -19.45
C LYS A 44 -11.64 -20.59 -19.43
N GLY A 45 -11.12 -20.87 -20.62
CA GLY A 45 -9.81 -21.46 -20.87
C GLY A 45 -9.59 -22.82 -20.24
N ILE A 46 -8.38 -23.03 -19.69
CA ILE A 46 -8.00 -24.30 -19.05
C ILE A 46 -8.87 -24.61 -17.84
N GLY A 47 -9.19 -23.59 -17.06
CA GLY A 47 -10.02 -23.71 -15.86
C GLY A 47 -11.38 -24.28 -16.16
N ARG A 48 -12.07 -23.72 -17.18
CA ARG A 48 -13.37 -24.20 -17.63
C ARG A 48 -13.27 -25.66 -18.11
N GLU A 49 -12.24 -25.97 -18.92
CA GLU A 49 -12.01 -27.33 -19.40
C GLU A 49 -11.80 -28.30 -18.23
N MET A 50 -11.09 -27.86 -17.17
CA MET A 50 -10.86 -28.71 -16.00
C MET A 50 -12.18 -28.98 -15.30
N ALA A 51 -13.04 -27.96 -15.17
CA ALA A 51 -14.35 -28.04 -14.53
C ALA A 51 -15.25 -29.00 -15.29
N TYR A 52 -15.13 -29.02 -16.63
CA TYR A 52 -15.88 -29.91 -17.51
C TYR A 52 -15.37 -31.36 -17.38
N HIS A 53 -14.03 -31.57 -17.34
CA HIS A 53 -13.47 -32.92 -17.16
C HIS A 53 -13.89 -33.50 -15.81
N LEU A 54 -13.83 -32.68 -14.74
CA LEU A 54 -14.19 -33.09 -13.40
C LEU A 54 -15.67 -33.46 -13.30
N ALA A 55 -16.52 -32.68 -14.00
CA ALA A 55 -17.95 -32.89 -14.10
C ALA A 55 -18.23 -34.25 -14.77
N LYS A 56 -17.56 -34.54 -15.92
CA LYS A 56 -17.67 -35.81 -16.65
C LYS A 56 -17.29 -36.97 -15.74
N MET A 57 -16.30 -36.76 -14.86
CA MET A 57 -15.78 -37.74 -13.91
C MET A 57 -16.69 -37.97 -12.70
N GLY A 58 -17.71 -37.13 -12.54
CA GLY A 58 -18.65 -37.22 -11.43
C GLY A 58 -18.15 -36.61 -10.14
N ALA A 59 -17.30 -35.56 -10.24
CA ALA A 59 -16.79 -34.92 -9.04
C ALA A 59 -17.80 -33.86 -8.58
N HIS A 60 -17.70 -33.42 -7.34
CA HIS A 60 -18.41 -32.25 -6.82
C HIS A 60 -17.46 -31.08 -7.17
N VAL A 61 -17.98 -30.05 -7.84
CA VAL A 61 -17.13 -28.91 -8.20
C VAL A 61 -17.67 -27.59 -7.68
N VAL A 62 -16.75 -26.70 -7.27
CA VAL A 62 -17.02 -25.31 -6.94
C VAL A 62 -16.10 -24.49 -7.82
N VAL A 63 -16.69 -23.72 -8.74
CA VAL A 63 -15.95 -22.89 -9.69
C VAL A 63 -15.98 -21.43 -9.27
N THR A 64 -14.92 -20.70 -9.61
CA THR A 64 -14.84 -19.27 -9.30
C THR A 64 -14.14 -18.54 -10.42
N ALA A 65 -14.44 -17.24 -10.51
CA ALA A 65 -13.95 -16.22 -11.45
C ALA A 65 -14.77 -14.98 -11.08
N ARG A 66 -14.55 -13.87 -11.78
CA ARG A 66 -15.30 -12.65 -11.50
C ARG A 66 -16.71 -12.63 -12.11
N SER A 67 -16.89 -13.20 -13.31
CA SER A 67 -18.17 -13.16 -14.05
C SER A 67 -19.20 -14.19 -13.60
N LYS A 68 -20.22 -13.73 -12.85
CA LYS A 68 -21.29 -14.62 -12.34
C LYS A 68 -22.12 -15.23 -13.49
N GLU A 69 -22.36 -14.47 -14.56
CA GLU A 69 -23.13 -14.95 -15.71
C GLU A 69 -22.39 -16.06 -16.46
N THR A 70 -21.08 -15.94 -16.64
CA THR A 70 -20.27 -16.96 -17.29
C THR A 70 -20.12 -18.19 -16.37
N LEU A 71 -20.01 -17.98 -15.05
CA LEU A 71 -19.87 -19.07 -14.07
C LEU A 71 -21.17 -19.90 -13.98
N GLN A 72 -22.34 -19.25 -14.05
CA GLN A 72 -23.67 -19.88 -14.09
C GLN A 72 -23.76 -20.87 -15.28
N LYS A 73 -23.26 -20.47 -16.47
CA LYS A 73 -23.25 -21.28 -17.68
C LYS A 73 -22.32 -22.46 -17.49
N VAL A 74 -21.21 -22.23 -16.74
CA VAL A 74 -20.26 -23.30 -16.44
C VAL A 74 -20.90 -24.33 -15.49
N VAL A 75 -21.61 -23.86 -14.46
CA VAL A 75 -22.32 -24.69 -13.47
C VAL A 75 -23.39 -25.56 -14.13
N SER A 76 -24.12 -24.99 -15.12
CA SER A 76 -25.17 -25.68 -15.86
C SER A 76 -24.58 -26.75 -16.76
N HIS A 77 -23.50 -26.44 -17.51
CA HIS A 77 -22.87 -27.43 -18.39
C HIS A 77 -22.20 -28.54 -17.56
N CYS A 78 -21.67 -28.19 -16.35
CA CYS A 78 -21.07 -29.18 -15.45
C CYS A 78 -22.13 -30.19 -15.01
N LEU A 79 -23.31 -29.70 -14.57
CA LEU A 79 -24.44 -30.54 -14.16
C LEU A 79 -24.91 -31.43 -15.30
N GLU A 80 -24.90 -30.89 -16.53
CA GLU A 80 -25.29 -31.61 -17.75
C GLU A 80 -24.22 -32.57 -18.24
N LEU A 81 -23.01 -32.47 -17.70
CA LEU A 81 -21.96 -33.42 -18.02
C LEU A 81 -21.92 -34.56 -17.01
N GLY A 82 -22.67 -34.44 -15.92
CA GLY A 82 -22.75 -35.46 -14.88
C GLY A 82 -22.06 -35.15 -13.57
N ALA A 83 -21.81 -33.86 -13.26
CA ALA A 83 -21.20 -33.51 -11.96
C ALA A 83 -22.09 -34.00 -10.81
N ALA A 84 -21.48 -34.52 -9.73
CA ALA A 84 -22.21 -34.95 -8.53
C ALA A 84 -22.94 -33.73 -7.92
N SER A 85 -22.31 -32.55 -8.06
CA SER A 85 -22.81 -31.22 -7.70
C SER A 85 -21.89 -30.17 -8.33
N ALA A 86 -22.44 -28.98 -8.58
CA ALA A 86 -21.72 -27.86 -9.20
C ALA A 86 -22.31 -26.59 -8.68
N HIS A 87 -21.44 -25.70 -8.19
CA HIS A 87 -21.81 -24.40 -7.66
C HIS A 87 -20.73 -23.43 -8.07
N TYR A 88 -21.05 -22.14 -8.01
CA TYR A 88 -20.09 -21.09 -8.27
C TYR A 88 -20.19 -20.09 -7.17
N ILE A 89 -19.10 -19.34 -6.96
CA ILE A 89 -19.02 -18.20 -6.04
C ILE A 89 -18.19 -17.22 -6.86
N ALA A 90 -18.75 -16.04 -7.12
CA ALA A 90 -18.10 -15.03 -7.95
C ALA A 90 -17.40 -14.03 -7.08
N GLY A 91 -16.25 -13.57 -7.54
CA GLY A 91 -15.47 -12.57 -6.83
C GLY A 91 -14.11 -12.37 -7.45
N THR A 92 -13.42 -11.34 -6.99
CA THR A 92 -12.08 -11.09 -7.46
C THR A 92 -10.99 -11.58 -6.53
N MET A 93 -9.97 -12.21 -7.10
CA MET A 93 -8.82 -12.71 -6.36
C MET A 93 -7.80 -11.60 -6.07
N GLU A 94 -8.16 -10.31 -6.33
CA GLU A 94 -7.39 -9.13 -5.94
C GLU A 94 -7.71 -8.89 -4.46
N ASP A 95 -8.85 -9.42 -4.00
CA ASP A 95 -9.31 -9.28 -2.62
C ASP A 95 -8.94 -10.53 -1.81
N MET A 96 -7.95 -10.39 -0.93
CA MET A 96 -7.51 -11.52 -0.12
C MET A 96 -8.60 -12.03 0.82
N THR A 97 -9.45 -11.13 1.33
CA THR A 97 -10.54 -11.51 2.22
C THR A 97 -11.59 -12.29 1.43
N PHE A 98 -11.76 -11.99 0.12
CA PHE A 98 -12.68 -12.79 -0.69
C PHE A 98 -12.14 -14.21 -0.83
N ALA A 99 -10.84 -14.35 -1.15
CA ALA A 99 -10.14 -15.64 -1.31
C ALA A 99 -10.33 -16.51 -0.07
N GLU A 100 -10.17 -15.93 1.11
CA GLU A 100 -10.31 -16.61 2.39
C GLU A 100 -11.75 -17.09 2.60
N GLN A 101 -12.74 -16.19 2.36
CA GLN A 101 -14.15 -16.51 2.50
C GLN A 101 -14.66 -17.49 1.47
N PHE A 102 -14.15 -17.37 0.21
CA PHE A 102 -14.53 -18.28 -0.87
C PHE A 102 -14.28 -19.75 -0.49
N VAL A 103 -13.09 -20.04 0.07
CA VAL A 103 -12.74 -21.43 0.44
C VAL A 103 -13.69 -21.99 1.52
N ALA A 104 -13.96 -21.20 2.58
CA ALA A 104 -14.85 -21.60 3.67
C ALA A 104 -16.23 -21.93 3.10
N GLN A 105 -16.77 -21.04 2.24
CA GLN A 105 -18.05 -21.23 1.59
C GLN A 105 -18.06 -22.45 0.66
N ALA A 106 -17.03 -22.61 -0.20
CA ALA A 106 -16.93 -23.78 -1.10
C ALA A 106 -16.87 -25.10 -0.31
N GLY A 107 -16.18 -25.08 0.84
CA GLY A 107 -16.04 -26.23 1.71
C GLY A 107 -17.36 -26.65 2.32
N LYS A 108 -18.19 -25.67 2.70
CA LYS A 108 -19.52 -25.87 3.26
C LYS A 108 -20.47 -26.39 2.21
N LEU A 109 -20.40 -25.83 0.97
CA LEU A 109 -21.20 -26.27 -0.17
C LEU A 109 -20.99 -27.74 -0.54
N MET A 110 -19.74 -28.23 -0.42
CA MET A 110 -19.41 -29.62 -0.79
C MET A 110 -19.28 -30.57 0.41
N GLY A 111 -19.26 -30.04 1.62
CA GLY A 111 -19.07 -30.85 2.82
C GLY A 111 -17.64 -31.34 2.95
N GLY A 112 -16.69 -30.53 2.47
CA GLY A 112 -15.26 -30.84 2.54
C GLY A 112 -14.52 -30.44 1.28
N LEU A 113 -13.26 -30.87 1.19
CA LEU A 113 -12.37 -30.53 0.09
C LEU A 113 -11.29 -31.56 -0.10
N ASP A 114 -11.16 -32.08 -1.31
CA ASP A 114 -10.18 -33.08 -1.66
C ASP A 114 -9.07 -32.50 -2.52
N MET A 115 -9.40 -31.55 -3.40
CA MET A 115 -8.47 -30.98 -4.36
C MET A 115 -8.72 -29.51 -4.56
N LEU A 116 -7.64 -28.73 -4.47
CA LEU A 116 -7.69 -27.30 -4.67
C LEU A 116 -6.91 -26.98 -5.93
N ILE A 117 -7.59 -26.57 -7.02
CA ILE A 117 -6.90 -26.27 -8.28
C ILE A 117 -6.82 -24.75 -8.44
N LEU A 118 -5.58 -24.22 -8.30
CA LEU A 118 -5.24 -22.81 -8.36
C LEU A 118 -4.78 -22.49 -9.77
N ASN A 119 -5.67 -21.84 -10.52
CA ASN A 119 -5.48 -21.62 -11.96
C ASN A 119 -5.61 -20.18 -12.45
N HIS A 120 -6.37 -19.34 -11.77
CA HIS A 120 -6.59 -17.95 -12.15
C HIS A 120 -5.32 -17.12 -12.23
N ILE A 121 -5.31 -16.12 -13.11
CA ILE A 121 -4.23 -15.13 -13.23
C ILE A 121 -4.92 -13.81 -13.54
N THR A 122 -4.24 -12.71 -13.34
CA THR A 122 -4.78 -11.42 -13.75
C THR A 122 -4.55 -11.28 -15.27
N ASN A 123 -5.38 -10.50 -15.98
CA ASN A 123 -5.23 -10.32 -17.43
C ASN A 123 -3.85 -9.77 -17.76
N THR A 124 -3.17 -10.47 -18.68
CA THR A 124 -1.80 -10.17 -19.07
C THR A 124 -1.72 -10.12 -20.58
N SER A 125 -0.94 -9.18 -21.10
CA SER A 125 -0.64 -9.07 -22.52
C SER A 125 0.88 -9.07 -22.70
N LEU A 126 1.36 -9.34 -23.92
CA LEU A 126 2.79 -9.34 -24.24
C LEU A 126 3.26 -7.92 -24.46
N ASN A 127 4.22 -7.46 -23.66
CA ASN A 127 4.75 -6.11 -23.72
C ASN A 127 6.14 -6.06 -23.10
N LEU A 128 6.94 -5.10 -23.55
CA LEU A 128 8.23 -4.84 -22.95
C LEU A 128 7.92 -4.14 -21.62
N PHE A 129 8.68 -4.45 -20.58
CA PHE A 129 8.43 -3.78 -19.32
C PHE A 129 9.04 -2.36 -19.36
N HIS A 130 8.28 -1.37 -18.88
CA HIS A 130 8.79 0.01 -18.84
C HIS A 130 8.72 0.57 -17.41
N ASP A 131 7.50 0.84 -16.92
CA ASP A 131 7.32 1.44 -15.60
C ASP A 131 5.99 1.09 -14.95
N ASP A 132 5.29 0.09 -15.46
CA ASP A 132 3.97 -0.28 -14.94
C ASP A 132 4.06 -1.07 -13.63
N ILE A 133 4.36 -0.37 -12.52
CA ILE A 133 4.46 -0.93 -11.19
C ILE A 133 3.12 -1.53 -10.73
N HIS A 134 2.01 -0.83 -11.06
CA HIS A 134 0.66 -1.26 -10.74
C HIS A 134 0.43 -2.68 -11.29
N HIS A 135 0.84 -2.92 -12.55
CA HIS A 135 0.68 -4.22 -13.17
C HIS A 135 1.56 -5.32 -12.48
N VAL A 136 2.80 -4.94 -12.05
CA VAL A 136 3.68 -5.88 -11.36
C VAL A 136 3.01 -6.30 -10.04
N ARG A 137 2.54 -5.32 -9.28
CA ARG A 137 1.88 -5.53 -8.00
C ARG A 137 0.63 -6.38 -8.17
N LYS A 138 -0.23 -6.04 -9.13
CA LYS A 138 -1.47 -6.77 -9.39
C LYS A 138 -1.16 -8.22 -9.77
N SER A 139 -0.10 -8.44 -10.59
CA SER A 139 0.32 -9.78 -10.98
C SER A 139 0.74 -10.56 -9.74
N MET A 140 1.54 -9.92 -8.85
CA MET A 140 1.96 -10.58 -7.62
C MET A 140 0.80 -10.92 -6.70
N GLU A 141 -0.19 -10.03 -6.58
CA GLU A 141 -1.36 -10.22 -5.71
C GLU A 141 -2.26 -11.32 -6.20
N VAL A 142 -2.67 -11.25 -7.45
CA VAL A 142 -3.62 -12.20 -8.05
C VAL A 142 -2.99 -13.55 -8.40
N ASN A 143 -1.82 -13.53 -9.08
CA ASN A 143 -1.21 -14.78 -9.55
C ASN A 143 -0.46 -15.54 -8.46
N PHE A 144 -0.06 -14.85 -7.40
CA PHE A 144 0.74 -15.46 -6.34
C PHE A 144 0.13 -15.36 -4.96
N LEU A 145 -0.05 -14.16 -4.42
CA LEU A 145 -0.54 -13.99 -3.05
C LEU A 145 -1.88 -14.67 -2.80
N SER A 146 -2.84 -14.52 -3.74
CA SER A 146 -4.15 -15.16 -3.59
C SER A 146 -4.04 -16.70 -3.51
N TYR A 147 -3.05 -17.30 -4.22
CA TYR A 147 -2.81 -18.75 -4.18
C TYR A 147 -2.40 -19.18 -2.78
N VAL A 148 -1.59 -18.36 -2.11
CA VAL A 148 -1.11 -18.59 -0.75
C VAL A 148 -2.31 -18.50 0.19
N VAL A 149 -3.15 -17.45 -0.02
CA VAL A 149 -4.33 -17.21 0.81
C VAL A 149 -5.31 -18.38 0.73
N LEU A 150 -5.59 -18.85 -0.48
CA LEU A 150 -6.49 -19.95 -0.76
C LEU A 150 -5.96 -21.23 -0.16
N THR A 151 -4.61 -21.44 -0.20
CA THR A 151 -3.96 -22.61 0.40
C THR A 151 -4.14 -22.61 1.92
N VAL A 152 -3.87 -21.48 2.58
CA VAL A 152 -4.03 -21.35 4.04
C VAL A 152 -5.48 -21.69 4.44
N ALA A 153 -6.48 -21.11 3.72
CA ALA A 153 -7.90 -21.31 3.98
C ALA A 153 -8.30 -22.77 3.72
N ALA A 154 -7.68 -23.43 2.72
CA ALA A 154 -8.03 -24.79 2.35
C ALA A 154 -7.34 -25.89 3.15
N LEU A 155 -6.16 -25.60 3.71
CA LEU A 155 -5.34 -26.58 4.38
C LEU A 155 -6.02 -27.44 5.46
N PRO A 156 -6.78 -26.87 6.44
CA PRO A 156 -7.47 -27.75 7.42
C PRO A 156 -8.33 -28.85 6.77
N MET A 157 -9.13 -28.52 5.76
CA MET A 157 -9.95 -29.53 5.05
C MET A 157 -9.11 -30.48 4.25
N LEU A 158 -8.01 -29.97 3.60
CA LEU A 158 -7.11 -30.82 2.82
C LEU A 158 -6.37 -31.80 3.74
N LYS A 159 -6.03 -31.37 4.98
CA LYS A 159 -5.37 -32.24 5.98
C LYS A 159 -6.32 -33.37 6.37
N GLN A 160 -7.63 -33.07 6.54
CA GLN A 160 -8.66 -34.07 6.88
C GLN A 160 -8.79 -35.11 5.80
N SER A 161 -8.77 -34.69 4.54
CA SER A 161 -8.96 -35.64 3.43
C SER A 161 -7.65 -36.15 2.84
N ASN A 162 -6.47 -35.73 3.35
CA ASN A 162 -5.16 -36.08 2.76
C ASN A 162 -5.25 -35.72 1.25
N GLY A 163 -5.73 -34.50 1.01
CA GLY A 163 -6.01 -33.98 -0.32
C GLY A 163 -4.81 -33.48 -1.09
N SER A 164 -5.10 -32.71 -2.14
CA SER A 164 -4.14 -32.21 -3.08
C SER A 164 -4.31 -30.74 -3.43
N ILE A 165 -3.18 -30.05 -3.65
CA ILE A 165 -3.14 -28.68 -4.11
C ILE A 165 -2.51 -28.79 -5.50
N VAL A 166 -3.15 -28.23 -6.49
CA VAL A 166 -2.62 -28.23 -7.85
C VAL A 166 -2.43 -26.78 -8.21
N VAL A 167 -1.19 -26.41 -8.52
CA VAL A 167 -0.80 -25.03 -8.82
C VAL A 167 -0.47 -24.91 -10.31
N VAL A 168 -1.26 -24.13 -11.04
CA VAL A 168 -1.02 -23.99 -12.47
C VAL A 168 0.04 -22.93 -12.73
N SER A 169 1.15 -23.37 -13.34
CA SER A 169 2.24 -22.49 -13.65
C SER A 169 2.51 -22.45 -15.17
N SER A 170 3.74 -22.18 -15.58
CA SER A 170 4.11 -22.05 -16.99
C SER A 170 5.58 -22.33 -17.19
N LEU A 171 5.99 -22.55 -18.46
CA LEU A 171 7.41 -22.65 -18.80
C LEU A 171 8.06 -21.31 -18.34
N ALA A 172 7.31 -20.19 -18.45
CA ALA A 172 7.76 -18.85 -18.02
C ALA A 172 7.92 -18.73 -16.46
N GLY A 173 7.60 -19.81 -15.76
CA GLY A 173 7.77 -19.96 -14.31
C GLY A 173 8.97 -20.83 -13.98
N LYS A 174 9.74 -21.21 -15.00
CA LYS A 174 10.93 -22.05 -14.81
C LYS A 174 12.13 -21.49 -15.57
N VAL A 175 11.84 -20.74 -16.63
CA VAL A 175 12.84 -20.24 -17.57
C VAL A 175 12.43 -18.80 -17.94
N ALA A 176 13.42 -17.98 -18.35
CA ALA A 176 13.17 -16.57 -18.68
C ALA A 176 12.81 -16.37 -20.13
N TYR A 177 11.77 -15.59 -20.36
CA TYR A 177 11.30 -15.19 -21.68
C TYR A 177 11.09 -13.71 -21.68
N PRO A 178 11.32 -13.00 -22.80
CA PRO A 178 10.97 -11.56 -22.83
C PRO A 178 9.44 -11.42 -22.94
N LEU A 179 8.94 -10.20 -22.64
CA LEU A 179 7.54 -9.76 -22.80
C LEU A 179 6.56 -10.18 -21.73
N VAL A 180 7.02 -10.95 -20.72
CA VAL A 180 6.18 -11.49 -19.63
C VAL A 180 6.88 -11.29 -18.27
N ALA A 181 7.63 -10.18 -18.08
CA ALA A 181 8.40 -9.97 -16.83
C ALA A 181 7.63 -10.17 -15.52
N ALA A 182 6.52 -9.43 -15.35
CA ALA A 182 5.69 -9.45 -14.13
C ALA A 182 4.99 -10.81 -13.98
N TYR A 183 4.54 -11.38 -15.10
CA TYR A 183 3.90 -12.71 -15.15
C TYR A 183 4.91 -13.80 -14.73
N SER A 184 6.14 -13.74 -15.25
CA SER A 184 7.21 -14.69 -14.94
C SER A 184 7.62 -14.60 -13.51
N ALA A 185 7.74 -13.37 -12.96
CA ALA A 185 8.07 -13.15 -11.55
C ALA A 185 7.03 -13.87 -10.66
N SER A 186 5.74 -13.70 -10.99
CA SER A 186 4.65 -14.32 -10.24
C SER A 186 4.64 -15.86 -10.33
N LYS A 187 5.03 -16.41 -11.49
CA LYS A 187 5.09 -17.85 -11.70
C LYS A 187 6.32 -18.47 -11.01
N PHE A 188 7.45 -17.76 -11.05
CA PHE A 188 8.66 -18.17 -10.33
C PHE A 188 8.37 -18.16 -8.83
N ALA A 189 7.66 -17.10 -8.32
CA ALA A 189 7.30 -17.00 -6.91
C ALA A 189 6.49 -18.22 -6.45
N LEU A 190 5.59 -18.71 -7.30
CA LEU A 190 4.78 -19.88 -6.97
C LEU A 190 5.65 -21.08 -6.74
N ASP A 191 6.65 -21.27 -7.62
CA ASP A 191 7.58 -22.40 -7.53
C ASP A 191 8.36 -22.29 -6.22
N GLY A 192 8.94 -21.14 -5.95
CA GLY A 192 9.67 -20.91 -4.71
C GLY A 192 8.85 -21.21 -3.47
N PHE A 193 7.65 -20.61 -3.39
CA PHE A 193 6.77 -20.79 -2.22
C PHE A 193 6.28 -22.21 -2.07
N PHE A 194 5.65 -22.77 -3.11
CA PHE A 194 5.01 -24.10 -2.99
C PHE A 194 6.02 -25.24 -2.90
N SER A 195 7.22 -25.05 -3.46
CA SER A 195 8.23 -26.09 -3.35
C SER A 195 8.79 -26.11 -1.92
N SER A 196 8.90 -24.92 -1.29
CA SER A 196 9.37 -24.81 0.09
C SER A 196 8.34 -25.43 1.05
N ILE A 197 7.06 -25.11 0.83
CA ILE A 197 5.93 -25.62 1.59
C ILE A 197 5.84 -27.16 1.47
N ARG A 198 6.09 -27.71 0.26
CA ARG A 198 6.10 -29.16 0.04
C ARG A 198 7.17 -29.82 0.96
N LYS A 199 8.39 -29.21 1.09
CA LYS A 199 9.44 -29.74 1.97
C LYS A 199 8.96 -29.73 3.43
N GLU A 200 8.30 -28.64 3.83
CA GLU A 200 7.77 -28.46 5.18
C GLU A 200 6.68 -29.49 5.48
N TYR A 201 5.82 -29.78 4.50
CA TYR A 201 4.75 -30.75 4.66
C TYR A 201 5.28 -32.16 4.91
N SER A 202 6.40 -32.55 4.27
CA SER A 202 7.01 -33.87 4.45
C SER A 202 7.61 -34.04 5.83
N VAL A 203 8.18 -32.96 6.40
CA VAL A 203 8.78 -33.02 7.74
C VAL A 203 7.74 -32.93 8.85
N SER A 204 6.69 -32.13 8.65
CA SER A 204 5.61 -31.94 9.62
C SER A 204 4.47 -32.96 9.45
N ARG A 205 4.64 -33.91 8.52
CA ARG A 205 3.70 -34.98 8.18
C ARG A 205 2.30 -34.50 7.81
N VAL A 206 2.26 -33.44 6.98
CA VAL A 206 1.02 -32.90 6.42
C VAL A 206 0.89 -33.70 5.12
N ASN A 207 -0.03 -34.65 5.10
CA ASN A 207 -0.19 -35.59 3.99
C ASN A 207 -1.05 -34.97 2.85
N VAL A 208 -0.62 -33.80 2.37
CA VAL A 208 -1.29 -33.04 1.32
C VAL A 208 -0.28 -32.91 0.21
N SER A 209 -0.61 -33.41 -0.99
CA SER A 209 0.31 -33.30 -2.13
C SER A 209 0.20 -31.91 -2.78
N ILE A 210 1.26 -31.49 -3.44
CA ILE A 210 1.38 -30.21 -4.12
C ILE A 210 1.93 -30.50 -5.51
N THR A 211 1.13 -30.20 -6.53
CA THR A 211 1.45 -30.40 -7.93
C THR A 211 1.68 -29.06 -8.61
N LEU A 212 2.88 -28.83 -9.09
CA LEU A 212 3.19 -27.63 -9.85
C LEU A 212 3.09 -27.99 -11.34
N CYS A 213 2.22 -27.30 -12.10
CA CYS A 213 2.00 -27.59 -13.52
C CYS A 213 2.73 -26.62 -14.40
N VAL A 214 3.73 -27.09 -15.12
CA VAL A 214 4.59 -26.28 -16.00
C VAL A 214 4.08 -26.46 -17.43
N LEU A 215 3.32 -25.43 -17.86
CA LEU A 215 2.68 -25.47 -19.17
C LEU A 215 3.35 -24.64 -20.21
N GLY A 216 3.40 -25.19 -21.41
CA GLY A 216 3.85 -24.46 -22.58
C GLY A 216 2.67 -23.68 -23.12
N LEU A 217 2.75 -23.21 -24.35
CA LEU A 217 1.65 -22.46 -24.96
C LEU A 217 0.42 -23.32 -25.21
N ILE A 218 -0.73 -22.90 -24.69
CA ILE A 218 -2.00 -23.62 -24.76
C ILE A 218 -3.00 -22.80 -25.59
N ASP A 219 -3.79 -23.48 -26.46
CA ASP A 219 -4.74 -22.83 -27.39
C ASP A 219 -5.99 -22.19 -26.79
N THR A 220 -5.87 -21.53 -25.64
CA THR A 220 -7.01 -20.79 -25.08
C THR A 220 -7.22 -19.54 -25.93
N GLU A 221 -8.44 -19.02 -25.97
CA GLU A 221 -8.77 -17.82 -26.72
C GLU A 221 -7.88 -16.65 -26.25
N THR A 222 -7.71 -16.48 -24.92
CA THR A 222 -6.82 -15.47 -24.32
C THR A 222 -5.38 -15.59 -24.87
N ALA A 223 -4.82 -16.82 -24.86
CA ALA A 223 -3.44 -17.05 -25.32
C ALA A 223 -3.28 -16.81 -26.80
N MET A 224 -4.24 -17.30 -27.62
CA MET A 224 -4.21 -17.14 -29.07
C MET A 224 -4.24 -15.69 -29.46
N LYS A 225 -5.08 -14.88 -28.78
CA LYS A 225 -5.19 -13.44 -29.02
C LYS A 225 -3.89 -12.71 -28.64
N ALA A 226 -3.34 -13.00 -27.44
CA ALA A 226 -2.15 -12.34 -26.90
C ALA A 226 -0.90 -12.56 -27.72
N VAL A 227 -0.77 -13.76 -28.27
CA VAL A 227 0.38 -14.29 -28.98
C VAL A 227 0.43 -14.08 -30.52
N SER A 228 -0.72 -13.80 -31.17
CA SER A 228 -0.83 -13.65 -32.64
C SER A 228 0.17 -12.68 -33.27
N GLY A 229 0.91 -13.18 -34.25
CA GLY A 229 1.91 -12.40 -34.95
C GLY A 229 3.23 -12.24 -34.22
N ILE A 230 3.31 -12.67 -32.93
CA ILE A 230 4.52 -12.58 -32.10
C ILE A 230 5.18 -13.97 -31.97
N VAL A 231 4.37 -14.95 -31.54
CA VAL A 231 4.83 -16.31 -31.30
C VAL A 231 4.43 -17.21 -32.45
N HIS A 232 5.44 -17.82 -33.06
CA HIS A 232 5.36 -18.73 -34.22
C HIS A 232 5.42 -20.19 -33.79
N MET A 233 4.65 -20.61 -32.77
CA MET A 233 4.65 -22.00 -32.35
C MET A 233 3.28 -22.56 -32.10
N GLN A 234 3.09 -23.85 -32.46
CA GLN A 234 1.81 -24.53 -32.28
C GLN A 234 1.46 -24.64 -30.80
N ALA A 235 0.30 -24.10 -30.45
CA ALA A 235 -0.18 -24.15 -29.09
C ALA A 235 -0.83 -25.52 -28.89
N ALA A 236 -0.60 -26.11 -27.71
CA ALA A 236 -1.16 -27.41 -27.35
C ALA A 236 -2.66 -27.30 -27.08
N PRO A 237 -3.46 -28.39 -27.25
CA PRO A 237 -4.92 -28.27 -27.02
C PRO A 237 -5.29 -28.14 -25.55
N LYS A 238 -6.24 -27.24 -25.26
CA LYS A 238 -6.68 -26.95 -23.89
C LYS A 238 -7.38 -28.09 -23.16
N GLU A 239 -8.10 -28.96 -23.91
CA GLU A 239 -8.85 -30.09 -23.36
C GLU A 239 -7.90 -31.11 -22.76
N GLU A 240 -6.85 -31.51 -23.53
CA GLU A 240 -5.82 -32.45 -23.12
C GLU A 240 -4.98 -31.85 -21.98
N CYS A 241 -4.68 -30.54 -22.05
CA CYS A 241 -3.92 -29.84 -21.02
C CYS A 241 -4.70 -29.94 -19.71
N ALA A 242 -6.00 -29.60 -19.73
CA ALA A 242 -6.88 -29.68 -18.56
C ALA A 242 -6.84 -31.09 -17.94
N LEU A 243 -6.90 -32.14 -18.77
CA LEU A 243 -6.87 -33.53 -18.33
C LEU A 243 -5.52 -33.90 -17.69
N GLU A 244 -4.38 -33.48 -18.31
CA GLU A 244 -3.05 -33.76 -17.77
C GLU A 244 -2.82 -33.10 -16.41
N ILE A 245 -3.41 -31.90 -16.19
CA ILE A 245 -3.32 -31.21 -14.89
C ILE A 245 -4.05 -32.06 -13.83
N ILE A 246 -5.32 -32.46 -14.11
CA ILE A 246 -6.15 -33.27 -13.23
C ILE A 246 -5.46 -34.61 -12.93
N LYS A 247 -4.90 -35.29 -13.96
CA LYS A 247 -4.20 -36.57 -13.81
C LYS A 247 -3.04 -36.43 -12.85
N GLY A 248 -2.18 -35.45 -13.09
CA GLY A 248 -1.03 -35.16 -12.25
C GLY A 248 -1.40 -34.90 -10.79
N GLY A 249 -2.47 -34.15 -10.57
CA GLY A 249 -3.00 -33.86 -9.23
C GLY A 249 -3.56 -35.10 -8.56
N ALA A 250 -4.39 -35.88 -9.29
CA ALA A 250 -5.00 -37.13 -8.80
C ALA A 250 -3.89 -38.16 -8.46
N LEU A 251 -2.81 -38.17 -9.26
CA LEU A 251 -1.67 -39.07 -9.06
C LEU A 251 -0.67 -38.52 -8.06
N ARG A 252 -0.93 -37.31 -7.51
CA ARG A 252 -0.10 -36.67 -6.48
C ARG A 252 1.34 -36.46 -6.99
N GLN A 253 1.48 -36.15 -8.28
CA GLN A 253 2.80 -35.90 -8.84
C GLN A 253 3.27 -34.53 -8.35
N GLU A 254 4.57 -34.38 -8.12
CA GLU A 254 5.12 -33.11 -7.69
C GLU A 254 5.06 -32.07 -8.79
N GLU A 255 5.31 -32.50 -10.03
CA GLU A 255 5.32 -31.62 -11.19
C GLU A 255 4.68 -32.26 -12.40
N VAL A 256 3.93 -31.48 -13.16
CA VAL A 256 3.31 -31.90 -14.41
C VAL A 256 3.95 -31.00 -15.47
N TYR A 257 4.48 -31.60 -16.54
CA TYR A 257 5.04 -30.89 -17.69
C TYR A 257 4.16 -31.16 -18.89
N TYR A 258 3.70 -30.10 -19.54
CA TYR A 258 2.83 -30.22 -20.71
C TYR A 258 3.16 -29.10 -21.70
N ASP A 259 3.92 -29.45 -22.77
CA ASP A 259 4.28 -28.58 -23.89
C ASP A 259 4.12 -29.32 -25.22
N SER A 260 3.77 -28.58 -26.29
CA SER A 260 3.59 -29.14 -27.63
C SER A 260 4.87 -29.80 -28.15
N SER A 261 6.05 -29.43 -27.59
CA SER A 261 7.33 -30.06 -27.91
C SER A 261 7.81 -30.99 -26.79
N ARG A 262 8.22 -32.22 -27.14
CA ARG A 262 8.79 -33.21 -26.20
C ARG A 262 10.22 -32.77 -25.74
N TRP A 263 11.00 -32.08 -26.63
CA TRP A 263 12.36 -31.58 -26.40
C TRP A 263 12.46 -30.40 -25.41
N THR A 264 11.43 -29.51 -25.34
CA THR A 264 11.46 -28.46 -24.32
C THR A 264 11.15 -29.19 -23.02
N THR A 265 10.28 -30.22 -23.11
CA THR A 265 9.86 -31.11 -22.01
C THR A 265 11.09 -31.92 -21.48
N LEU A 266 12.22 -31.89 -22.22
CA LEU A 266 13.49 -32.51 -21.88
C LEU A 266 14.40 -31.47 -21.19
N LEU A 267 14.57 -30.27 -21.79
CA LEU A 267 15.40 -29.21 -21.23
C LEU A 267 14.77 -28.51 -20.00
N ILE A 268 13.45 -28.61 -19.83
CA ILE A 268 12.71 -27.95 -18.75
C ILE A 268 12.95 -28.51 -17.34
N ARG A 269 13.28 -29.81 -17.24
CA ARG A 269 13.57 -30.49 -15.98
C ARG A 269 14.89 -29.98 -15.44
N ASN A 270 15.00 -29.91 -14.12
CA ASN A 270 16.20 -29.40 -13.48
C ASN A 270 16.70 -30.46 -12.51
N PRO A 271 17.41 -31.50 -13.04
CA PRO A 271 17.89 -32.59 -12.18
C PRO A 271 18.87 -32.17 -11.09
N SER A 272 19.76 -31.23 -11.39
CA SER A 272 20.74 -30.77 -10.43
C SER A 272 20.03 -30.09 -9.23
N ARG A 273 18.87 -29.38 -9.45
CA ARG A 273 18.08 -28.80 -8.35
C ARG A 273 17.58 -29.92 -7.42
N LYS A 274 16.97 -30.99 -8.01
CA LYS A 274 16.47 -32.16 -7.27
C LYS A 274 17.58 -32.83 -6.47
N ILE A 275 18.79 -32.97 -7.09
CA ILE A 275 19.98 -33.55 -6.43
C ILE A 275 20.34 -32.66 -5.25
N LEU A 276 20.49 -31.35 -5.48
CA LEU A 276 20.83 -30.38 -4.45
C LEU A 276 19.86 -30.36 -3.25
N GLU A 277 18.56 -30.52 -3.52
CA GLU A 277 17.55 -30.53 -2.48
C GLU A 277 17.59 -31.81 -1.63
N GLU A 278 17.66 -33.00 -2.31
CA GLU A 278 17.70 -34.32 -1.65
C GLU A 278 18.93 -34.48 -0.80
N LEU A 279 20.06 -33.94 -1.25
CA LEU A 279 21.36 -33.97 -0.58
C LEU A 279 21.29 -33.25 0.75
N TYR A 280 20.61 -32.10 0.78
CA TYR A 280 20.48 -31.22 1.94
C TYR A 280 19.31 -31.47 2.88
N SER A 281 18.40 -32.40 2.54
CA SER A 281 17.19 -32.74 3.30
C SER A 281 17.45 -33.27 4.73
N THR A 282 18.57 -34.00 4.90
CA THR A 282 18.97 -34.56 6.20
C THR A 282 19.68 -33.53 7.09
N SER A 283 20.45 -32.60 6.48
CA SER A 283 21.24 -31.52 7.12
C SER A 283 20.50 -30.63 8.14
N TYR A 284 19.15 -30.59 8.10
CA TYR A 284 18.36 -29.72 8.97
C TYR A 284 17.90 -30.34 10.28
N ASN A 285 18.04 -29.58 11.37
CA ASN A 285 17.54 -30.02 12.67
C ASN A 285 16.22 -29.28 12.88
N MET A 286 15.11 -30.04 12.89
CA MET A 286 13.74 -29.52 12.99
C MET A 286 13.13 -29.62 14.38
N ASP A 287 13.90 -30.03 15.40
CA ASP A 287 13.36 -30.19 16.75
C ASP A 287 12.81 -28.90 17.38
N ARG A 288 13.28 -27.73 16.90
CA ARG A 288 12.81 -26.40 17.27
C ARG A 288 11.34 -26.24 16.81
N PHE A 289 10.90 -27.04 15.82
CA PHE A 289 9.59 -26.99 15.19
C PHE A 289 8.81 -28.29 15.38
N GLU B 26 41.09 -10.59 -14.93
CA GLU B 26 40.03 -9.80 -15.57
C GLU B 26 39.63 -8.59 -14.70
N PHE B 27 39.27 -8.81 -13.42
CA PHE B 27 38.90 -7.71 -12.53
C PHE B 27 40.09 -6.98 -11.98
N ARG B 28 39.97 -5.64 -11.97
CA ARG B 28 40.94 -4.73 -11.39
C ARG B 28 40.14 -3.74 -10.53
N PRO B 29 40.54 -3.49 -9.26
CA PRO B 29 39.80 -2.53 -8.42
C PRO B 29 39.63 -1.12 -9.01
N GLU B 30 40.50 -0.76 -9.99
CA GLU B 30 40.48 0.50 -10.74
C GLU B 30 39.16 0.64 -11.49
N MET B 31 38.51 -0.49 -11.86
CA MET B 31 37.20 -0.53 -12.54
C MET B 31 36.12 0.19 -11.71
N LEU B 32 36.29 0.30 -10.38
CA LEU B 32 35.32 0.96 -9.50
C LEU B 32 35.69 2.39 -9.11
N GLN B 33 36.94 2.80 -9.33
CA GLN B 33 37.41 4.15 -8.99
C GLN B 33 36.55 5.22 -9.67
N GLY B 34 35.97 6.11 -8.86
CA GLY B 34 35.13 7.19 -9.36
C GLY B 34 33.76 6.77 -9.86
N LYS B 35 33.42 5.46 -9.76
CA LYS B 35 32.09 4.96 -10.17
C LYS B 35 31.04 5.40 -9.18
N LYS B 36 29.83 5.69 -9.67
CA LYS B 36 28.71 6.16 -8.85
C LYS B 36 27.81 4.98 -8.49
N VAL B 37 27.89 4.54 -7.21
CA VAL B 37 27.23 3.31 -6.77
C VAL B 37 26.23 3.50 -5.64
N ILE B 38 25.05 2.88 -5.79
CA ILE B 38 24.06 2.81 -4.72
C ILE B 38 24.16 1.41 -4.14
N VAL B 39 24.18 1.29 -2.79
CA VAL B 39 24.15 0.03 -2.06
C VAL B 39 22.95 0.11 -1.10
N THR B 40 21.94 -0.78 -1.26
CA THR B 40 20.80 -0.81 -0.34
C THR B 40 21.10 -1.82 0.75
N GLY B 41 20.36 -1.77 1.86
CA GLY B 41 20.61 -2.66 3.01
C GLY B 41 22.06 -2.62 3.41
N ALA B 42 22.64 -1.41 3.44
CA ALA B 42 24.07 -1.18 3.64
C ALA B 42 24.52 -0.75 5.04
N SER B 43 23.62 -0.84 6.03
CA SER B 43 23.98 -0.46 7.40
C SER B 43 24.72 -1.59 8.11
N LYS B 44 24.56 -2.83 7.62
CA LYS B 44 25.21 -4.00 8.18
C LYS B 44 25.31 -5.12 7.14
N GLY B 45 25.92 -6.24 7.58
CA GLY B 45 26.09 -7.46 6.79
C GLY B 45 26.85 -7.28 5.50
N ILE B 46 26.38 -7.96 4.45
CA ILE B 46 27.00 -7.94 3.13
C ILE B 46 26.97 -6.53 2.52
N GLY B 47 25.87 -5.82 2.69
CA GLY B 47 25.69 -4.46 2.18
C GLY B 47 26.76 -3.51 2.70
N ARG B 48 26.97 -3.52 4.03
CA ARG B 48 28.00 -2.71 4.67
C ARG B 48 29.40 -3.07 4.13
N GLU B 49 29.70 -4.37 4.02
CA GLU B 49 30.97 -4.84 3.48
C GLU B 49 31.14 -4.38 2.03
N MET B 50 30.05 -4.36 1.23
CA MET B 50 30.15 -3.90 -0.16
C MET B 50 30.49 -2.40 -0.19
N ALA B 51 29.84 -1.60 0.69
CA ALA B 51 30.07 -0.16 0.79
C ALA B 51 31.55 0.09 1.14
N TYR B 52 32.09 -0.72 2.09
CA TYR B 52 33.50 -0.66 2.53
C TYR B 52 34.47 -1.00 1.40
N HIS B 53 34.17 -2.06 0.61
CA HIS B 53 35.03 -2.43 -0.53
C HIS B 53 35.03 -1.34 -1.57
N LEU B 54 33.84 -0.78 -1.88
CA LEU B 54 33.68 0.27 -2.86
C LEU B 54 34.41 1.53 -2.43
N ALA B 55 34.38 1.83 -1.13
CA ALA B 55 35.05 2.97 -0.50
C ALA B 55 36.56 2.82 -0.67
N LYS B 56 37.12 1.62 -0.36
CA LYS B 56 38.55 1.30 -0.54
C LYS B 56 38.96 1.47 -2.01
N MET B 57 38.06 1.14 -2.94
CA MET B 57 38.26 1.26 -4.40
C MET B 57 38.14 2.70 -4.93
N GLY B 58 37.69 3.64 -4.09
CA GLY B 58 37.54 5.03 -4.44
C GLY B 58 36.30 5.36 -5.24
N ALA B 59 35.21 4.62 -5.01
CA ALA B 59 33.95 4.89 -5.69
C ALA B 59 33.23 5.97 -4.92
N HIS B 60 32.21 6.55 -5.53
CA HIS B 60 31.25 7.44 -4.91
C HIS B 60 30.13 6.49 -4.47
N VAL B 61 29.73 6.54 -3.18
CA VAL B 61 28.70 5.65 -2.68
C VAL B 61 27.55 6.37 -2.04
N VAL B 62 26.34 5.84 -2.24
CA VAL B 62 25.14 6.29 -1.55
C VAL B 62 24.54 5.02 -0.92
N VAL B 63 24.53 4.99 0.41
CA VAL B 63 24.03 3.85 1.18
C VAL B 63 22.64 4.13 1.74
N THR B 64 21.84 3.08 1.91
CA THR B 64 20.51 3.20 2.47
C THR B 64 20.18 1.98 3.33
N ALA B 65 19.26 2.18 4.28
CA ALA B 65 18.69 1.25 5.25
C ALA B 65 17.74 2.11 6.07
N ARG B 66 17.09 1.56 7.10
CA ARG B 66 16.18 2.36 7.90
C ARG B 66 16.89 3.21 8.99
N SER B 67 17.99 2.70 9.58
CA SER B 67 18.68 3.35 10.70
C SER B 67 19.66 4.44 10.29
N LYS B 68 19.30 5.71 10.54
CA LYS B 68 20.19 6.84 10.22
C LYS B 68 21.51 6.81 11.04
N GLU B 69 21.43 6.40 12.31
CA GLU B 69 22.59 6.32 13.21
C GLU B 69 23.59 5.27 12.71
N THR B 70 23.09 4.11 12.26
CA THR B 70 23.94 3.05 11.73
C THR B 70 24.50 3.45 10.36
N LEU B 71 23.68 4.07 9.50
CA LEU B 71 24.14 4.51 8.16
C LEU B 71 25.25 5.60 8.26
N GLN B 72 25.14 6.51 9.25
CA GLN B 72 26.14 7.55 9.51
C GLN B 72 27.52 6.93 9.81
N LYS B 73 27.55 5.88 10.65
CA LYS B 73 28.76 5.13 10.99
C LYS B 73 29.39 4.51 9.76
N VAL B 74 28.56 3.89 8.87
CA VAL B 74 29.03 3.30 7.62
C VAL B 74 29.65 4.37 6.70
N VAL B 75 28.95 5.51 6.53
CA VAL B 75 29.38 6.62 5.68
C VAL B 75 30.73 7.17 6.14
N SER B 76 30.87 7.36 7.46
CA SER B 76 32.10 7.89 8.04
C SER B 76 33.27 6.93 7.82
N HIS B 77 33.04 5.62 8.00
CA HIS B 77 34.07 4.64 7.76
C HIS B 77 34.44 4.55 6.28
N CYS B 78 33.45 4.71 5.38
CA CYS B 78 33.64 4.76 3.94
C CYS B 78 34.60 5.94 3.57
N LEU B 79 34.36 7.13 4.14
CA LEU B 79 35.20 8.30 3.90
C LEU B 79 36.63 8.06 4.37
N GLU B 80 36.79 7.46 5.54
CA GLU B 80 38.07 7.09 6.16
C GLU B 80 38.82 6.08 5.27
N LEU B 81 38.07 5.15 4.62
CA LEU B 81 38.64 4.13 3.73
C LEU B 81 39.08 4.65 2.38
N GLY B 82 38.70 5.88 2.06
CA GLY B 82 39.07 6.51 0.81
C GLY B 82 37.98 6.68 -0.23
N ALA B 83 36.69 6.64 0.17
CA ALA B 83 35.59 6.83 -0.80
C ALA B 83 35.74 8.23 -1.47
N ALA B 84 35.48 8.33 -2.80
CA ALA B 84 35.51 9.62 -3.52
C ALA B 84 34.45 10.55 -2.89
N SER B 85 33.34 9.95 -2.42
CA SER B 85 32.25 10.56 -1.68
C SER B 85 31.36 9.46 -1.11
N ALA B 86 30.67 9.77 0.00
CA ALA B 86 29.80 8.84 0.69
C ALA B 86 28.69 9.63 1.34
N HIS B 87 27.46 9.18 1.13
CA HIS B 87 26.26 9.81 1.68
C HIS B 87 25.29 8.71 2.01
N TYR B 88 24.34 9.00 2.87
CA TYR B 88 23.27 8.08 3.18
C TYR B 88 21.95 8.79 3.07
N ILE B 89 20.90 8.02 2.86
CA ILE B 89 19.50 8.46 2.83
C ILE B 89 18.79 7.34 3.54
N ALA B 90 18.16 7.62 4.66
CA ALA B 90 17.47 6.64 5.46
C ALA B 90 16.00 6.55 5.06
N GLY B 91 15.46 5.33 5.07
CA GLY B 91 14.05 5.10 4.79
C GLY B 91 13.71 3.64 4.71
N THR B 92 12.42 3.34 4.67
CA THR B 92 11.96 1.97 4.53
C THR B 92 11.58 1.61 3.10
N MET B 93 12.09 0.45 2.65
CA MET B 93 11.80 -0.09 1.35
C MET B 93 10.41 -0.74 1.28
N GLU B 94 9.57 -0.59 2.34
CA GLU B 94 8.18 -1.03 2.34
C GLU B 94 7.39 0.08 1.62
N ASP B 95 7.96 1.30 1.55
CA ASP B 95 7.34 2.46 0.94
C ASP B 95 7.90 2.64 -0.46
N MET B 96 7.07 2.37 -1.46
CA MET B 96 7.49 2.46 -2.87
C MET B 96 7.84 3.88 -3.26
N THR B 97 7.19 4.88 -2.65
CA THR B 97 7.47 6.28 -2.95
C THR B 97 8.84 6.67 -2.40
N PHE B 98 9.23 6.10 -1.24
CA PHE B 98 10.58 6.36 -0.73
C PHE B 98 11.60 5.79 -1.71
N ALA B 99 11.38 4.52 -2.21
CA ALA B 99 12.29 3.85 -3.13
C ALA B 99 12.52 4.68 -4.38
N GLU B 100 11.44 5.23 -4.94
CA GLU B 100 11.47 6.05 -6.14
C GLU B 100 12.26 7.34 -5.88
N GLN B 101 11.94 8.04 -4.78
CA GLN B 101 12.60 9.30 -4.41
C GLN B 101 14.04 9.12 -4.00
N PHE B 102 14.37 7.99 -3.33
CA PHE B 102 15.73 7.68 -2.91
C PHE B 102 16.68 7.66 -4.11
N VAL B 103 16.28 6.99 -5.21
CA VAL B 103 17.13 6.91 -6.41
C VAL B 103 17.41 8.30 -7.03
N ALA B 104 16.35 9.15 -7.18
CA ALA B 104 16.48 10.50 -7.73
C ALA B 104 17.45 11.31 -6.86
N GLN B 105 17.29 11.26 -5.53
CA GLN B 105 18.17 11.96 -4.60
C GLN B 105 19.61 11.44 -4.65
N ALA B 106 19.81 10.10 -4.65
CA ALA B 106 21.15 9.50 -4.74
C ALA B 106 21.85 9.91 -6.06
N GLY B 107 21.08 9.95 -7.15
CA GLY B 107 21.57 10.34 -8.45
C GLY B 107 22.04 11.79 -8.51
N LYS B 108 21.32 12.68 -7.79
CA LYS B 108 21.64 14.11 -7.70
C LYS B 108 22.89 14.30 -6.85
N LEU B 109 22.98 13.56 -5.72
CA LEU B 109 24.14 13.57 -4.82
C LEU B 109 25.46 13.18 -5.51
N MET B 110 25.41 12.23 -6.47
CA MET B 110 26.61 11.76 -7.16
C MET B 110 26.78 12.33 -8.57
N GLY B 111 25.75 12.95 -9.11
CA GLY B 111 25.77 13.47 -10.48
C GLY B 111 25.65 12.34 -11.49
N GLY B 112 24.90 11.30 -11.14
CA GLY B 112 24.68 10.14 -11.99
C GLY B 112 24.70 8.82 -11.25
N LEU B 113 24.72 7.72 -12.01
CA LEU B 113 24.67 6.38 -11.47
C LEU B 113 25.26 5.37 -12.42
N ASP B 114 26.21 4.58 -11.92
CA ASP B 114 26.88 3.55 -12.70
C ASP B 114 26.45 2.16 -12.31
N MET B 115 26.18 1.95 -11.00
CA MET B 115 25.84 0.64 -10.48
C MET B 115 24.78 0.76 -9.40
N LEU B 116 23.74 -0.07 -9.53
CA LEU B 116 22.65 -0.13 -8.55
C LEU B 116 22.72 -1.49 -7.89
N ILE B 117 23.16 -1.51 -6.62
CA ILE B 117 23.27 -2.78 -5.86
C ILE B 117 22.05 -2.94 -4.92
N LEU B 118 21.15 -3.85 -5.28
CA LEU B 118 19.88 -4.15 -4.57
C LEU B 118 20.12 -5.34 -3.68
N ASN B 119 20.22 -5.06 -2.38
CA ASN B 119 20.65 -6.00 -1.35
C ASN B 119 19.72 -6.17 -0.14
N HIS B 120 18.95 -5.17 0.20
CA HIS B 120 18.03 -5.17 1.33
C HIS B 120 16.98 -6.25 1.25
N ILE B 121 16.51 -6.70 2.41
CA ILE B 121 15.40 -7.65 2.57
C ILE B 121 14.68 -7.24 3.83
N THR B 122 13.44 -7.71 4.01
CA THR B 122 12.74 -7.45 5.26
C THR B 122 13.26 -8.49 6.28
N ASN B 123 13.22 -8.20 7.58
CA ASN B 123 13.69 -9.15 8.61
C ASN B 123 12.95 -10.47 8.49
N THR B 124 13.72 -11.55 8.40
CA THR B 124 13.20 -12.89 8.18
C THR B 124 13.84 -13.81 9.20
N SER B 125 13.04 -14.71 9.75
CA SER B 125 13.48 -15.75 10.66
C SER B 125 13.06 -17.10 10.07
N LEU B 126 13.71 -18.20 10.51
CA LEU B 126 13.37 -19.54 10.04
C LEU B 126 12.15 -20.04 10.80
N ASN B 127 11.11 -20.42 10.09
CA ASN B 127 9.88 -20.94 10.67
C ASN B 127 9.08 -21.71 9.65
N LEU B 128 8.24 -22.63 10.13
CA LEU B 128 7.33 -23.35 9.29
C LEU B 128 6.26 -22.36 8.89
N PHE B 129 5.80 -22.40 7.64
CA PHE B 129 4.75 -21.48 7.26
C PHE B 129 3.40 -21.97 7.77
N HIS B 130 2.59 -21.07 8.37
CA HIS B 130 1.27 -21.45 8.83
C HIS B 130 0.20 -20.56 8.21
N ASP B 131 0.13 -19.30 8.61
CA ASP B 131 -0.91 -18.39 8.14
C ASP B 131 -0.53 -16.91 8.16
N ASP B 132 0.76 -16.60 8.31
CA ASP B 132 1.21 -15.20 8.32
C ASP B 132 1.23 -14.57 6.93
N ILE B 133 0.04 -14.22 6.40
CA ILE B 133 -0.12 -13.57 5.10
C ILE B 133 0.56 -12.20 5.03
N HIS B 134 0.51 -11.44 6.13
CA HIS B 134 1.13 -10.12 6.15
C HIS B 134 2.63 -10.24 5.97
N HIS B 135 3.26 -11.26 6.57
CA HIS B 135 4.69 -11.50 6.36
C HIS B 135 5.01 -11.88 4.90
N VAL B 136 4.14 -12.69 4.24
CA VAL B 136 4.32 -13.06 2.83
C VAL B 136 4.27 -11.79 1.95
N ARG B 137 3.25 -10.96 2.18
CA ARG B 137 3.06 -9.71 1.48
C ARG B 137 4.25 -8.77 1.70
N LYS B 138 4.67 -8.58 2.95
CA LYS B 138 5.79 -7.70 3.31
C LYS B 138 7.07 -8.18 2.63
N SER B 139 7.29 -9.51 2.59
CA SER B 139 8.46 -10.11 1.91
C SER B 139 8.41 -9.79 0.45
N MET B 140 7.23 -9.95 -0.19
CA MET B 140 7.08 -9.61 -1.60
C MET B 140 7.30 -8.15 -1.89
N GLU B 141 6.79 -7.24 -1.03
CA GLU B 141 6.91 -5.80 -1.20
C GLU B 141 8.37 -5.32 -1.07
N VAL B 142 9.04 -5.70 0.02
CA VAL B 142 10.39 -5.27 0.36
C VAL B 142 11.47 -5.98 -0.46
N ASN B 143 11.40 -7.33 -0.50
CA ASN B 143 12.44 -8.12 -1.17
C ASN B 143 12.35 -8.13 -2.68
N PHE B 144 11.17 -7.87 -3.22
CA PHE B 144 10.93 -7.93 -4.65
C PHE B 144 10.41 -6.66 -5.26
N LEU B 145 9.20 -6.21 -4.90
CA LEU B 145 8.60 -5.02 -5.52
C LEU B 145 9.49 -3.78 -5.44
N SER B 146 10.12 -3.53 -4.25
CA SER B 146 11.01 -2.37 -4.11
C SER B 146 12.19 -2.41 -5.08
N TYR B 147 12.67 -3.63 -5.40
CA TYR B 147 13.79 -3.79 -6.36
C TYR B 147 13.37 -3.36 -7.75
N VAL B 148 12.11 -3.67 -8.11
CA VAL B 148 11.53 -3.29 -9.39
C VAL B 148 11.37 -1.78 -9.43
N VAL B 149 10.85 -1.20 -8.35
CA VAL B 149 10.66 0.24 -8.23
C VAL B 149 11.99 1.01 -8.35
N LEU B 150 13.01 0.55 -7.64
CA LEU B 150 14.36 1.13 -7.68
C LEU B 150 14.97 1.03 -9.06
N THR B 151 14.71 -0.08 -9.77
CA THR B 151 15.21 -0.31 -11.14
C THR B 151 14.57 0.69 -12.11
N VAL B 152 13.26 0.87 -12.03
CA VAL B 152 12.52 1.83 -12.87
C VAL B 152 13.08 3.25 -12.66
N ALA B 153 13.26 3.64 -11.40
CA ALA B 153 13.79 4.97 -11.04
C ALA B 153 15.23 5.14 -11.50
N ALA B 154 16.02 4.06 -11.50
CA ALA B 154 17.44 4.13 -11.85
C ALA B 154 17.76 4.00 -13.30
N LEU B 155 16.89 3.31 -14.06
CA LEU B 155 17.13 2.99 -15.46
C LEU B 155 17.55 4.15 -16.37
N PRO B 156 16.89 5.33 -16.38
CA PRO B 156 17.40 6.44 -17.24
C PRO B 156 18.87 6.79 -16.97
N MET B 157 19.30 6.91 -15.70
CA MET B 157 20.73 7.17 -15.42
C MET B 157 21.64 6.00 -15.80
N LEU B 158 21.17 4.75 -15.58
CA LEU B 158 21.94 3.56 -15.95
C LEU B 158 22.09 3.43 -17.46
N LYS B 159 21.07 3.84 -18.23
CA LYS B 159 21.10 3.86 -19.68
C LYS B 159 22.16 4.86 -20.16
N GLN B 160 22.22 6.06 -19.54
CA GLN B 160 23.21 7.08 -19.86
C GLN B 160 24.63 6.59 -19.62
N SER B 161 24.87 5.85 -18.53
CA SER B 161 26.21 5.39 -18.19
C SER B 161 26.53 4.01 -18.67
N ASN B 162 25.60 3.33 -19.38
CA ASN B 162 25.75 1.91 -19.76
C ASN B 162 26.14 1.11 -18.49
N GLY B 163 25.40 1.39 -17.42
CA GLY B 163 25.64 0.87 -16.09
C GLY B 163 25.20 -0.55 -15.83
N SER B 164 25.12 -0.88 -14.54
CA SER B 164 24.85 -2.21 -14.05
C SER B 164 23.84 -2.25 -12.92
N ILE B 165 23.02 -3.30 -12.90
CA ILE B 165 22.08 -3.59 -11.83
C ILE B 165 22.62 -4.88 -11.21
N VAL B 166 22.80 -4.88 -9.88
CA VAL B 166 23.27 -6.04 -9.15
C VAL B 166 22.16 -6.44 -8.19
N VAL B 167 21.60 -7.63 -8.41
CA VAL B 167 20.50 -8.15 -7.62
C VAL B 167 21.01 -9.24 -6.66
N VAL B 168 20.96 -8.97 -5.35
CA VAL B 168 21.41 -9.95 -4.39
C VAL B 168 20.32 -10.97 -4.10
N SER B 169 20.63 -12.23 -4.43
CA SER B 169 19.69 -13.31 -4.23
C SER B 169 20.29 -14.38 -3.28
N SER B 170 19.83 -15.60 -3.39
CA SER B 170 20.25 -16.67 -2.48
C SER B 170 20.14 -17.96 -3.23
N LEU B 171 20.72 -19.05 -2.66
CA LEU B 171 20.52 -20.43 -3.13
C LEU B 171 19.03 -20.72 -3.00
N ALA B 172 18.36 -20.18 -1.91
CA ALA B 172 16.91 -20.33 -1.70
C ALA B 172 16.08 -19.65 -2.80
N GLY B 173 16.72 -18.91 -3.70
CA GLY B 173 16.06 -18.30 -4.86
C GLY B 173 16.30 -19.08 -6.13
N LYS B 174 16.92 -20.28 -6.03
CA LYS B 174 17.19 -21.19 -7.16
C LYS B 174 16.69 -22.58 -6.87
N VAL B 175 16.67 -22.94 -5.61
CA VAL B 175 16.36 -24.29 -5.11
C VAL B 175 15.44 -24.17 -3.89
N ALA B 176 14.64 -25.19 -3.63
CA ALA B 176 13.68 -25.23 -2.53
C ALA B 176 14.27 -25.75 -1.23
N TYR B 177 14.03 -25.02 -0.16
CA TYR B 177 14.42 -25.33 1.20
C TYR B 177 13.20 -25.11 2.08
N PRO B 178 13.04 -25.88 3.16
CA PRO B 178 11.94 -25.57 4.08
C PRO B 178 12.35 -24.37 4.96
N LEU B 179 11.37 -23.76 5.68
CA LEU B 179 11.53 -22.70 6.68
C LEU B 179 11.68 -21.29 6.14
N VAL B 180 11.71 -21.11 4.82
CA VAL B 180 11.93 -19.82 4.12
C VAL B 180 10.95 -19.66 2.95
N ALA B 181 9.71 -20.16 3.09
CA ALA B 181 8.73 -20.08 2.01
C ALA B 181 8.53 -18.68 1.38
N ALA B 182 8.20 -17.66 2.19
CA ALA B 182 7.94 -16.28 1.74
C ALA B 182 9.23 -15.65 1.18
N TYR B 183 10.34 -15.89 1.87
CA TYR B 183 11.66 -15.41 1.46
C TYR B 183 12.05 -16.03 0.11
N SER B 184 11.85 -17.37 0.00
CA SER B 184 12.18 -18.10 -1.22
C SER B 184 11.37 -17.61 -2.40
N ALA B 185 10.04 -17.41 -2.20
CA ALA B 185 9.12 -16.89 -3.21
C ALA B 185 9.64 -15.55 -3.74
N SER B 186 10.03 -14.64 -2.84
CA SER B 186 10.53 -13.33 -3.20
C SER B 186 11.86 -13.39 -3.97
N LYS B 187 12.72 -14.34 -3.65
CA LYS B 187 14.01 -14.49 -4.33
C LYS B 187 13.84 -15.17 -5.71
N PHE B 188 12.92 -16.14 -5.81
CA PHE B 188 12.59 -16.76 -7.08
C PHE B 188 11.94 -15.69 -7.99
N ALA B 189 11.06 -14.82 -7.42
CA ALA B 189 10.41 -13.73 -8.20
C ALA B 189 11.46 -12.80 -8.82
N LEU B 190 12.54 -12.50 -8.08
CA LEU B 190 13.62 -11.65 -8.58
C LEU B 190 14.25 -12.28 -9.81
N ASP B 191 14.48 -13.62 -9.77
CA ASP B 191 15.10 -14.33 -10.88
C ASP B 191 14.20 -14.24 -12.08
N GLY B 192 12.93 -14.61 -11.92
CA GLY B 192 11.95 -14.52 -12.99
C GLY B 192 11.86 -13.14 -13.62
N PHE B 193 11.70 -12.09 -12.78
CA PHE B 193 11.57 -10.73 -13.28
C PHE B 193 12.84 -10.22 -13.96
N PHE B 194 13.97 -10.24 -13.27
CA PHE B 194 15.22 -9.69 -13.79
C PHE B 194 15.80 -10.47 -14.96
N SER B 195 15.55 -11.78 -15.02
CA SER B 195 16.05 -12.59 -16.13
C SER B 195 15.24 -12.28 -17.40
N SER B 196 13.94 -11.99 -17.22
CA SER B 196 13.05 -11.63 -18.33
C SER B 196 13.44 -10.25 -18.87
N ILE B 197 13.68 -9.31 -17.96
CA ILE B 197 14.10 -7.94 -18.25
C ILE B 197 15.46 -7.92 -18.97
N ARG B 198 16.39 -8.82 -18.57
CA ARG B 198 17.68 -8.97 -19.25
C ARG B 198 17.48 -9.36 -20.74
N LYS B 199 16.53 -10.29 -21.04
CA LYS B 199 16.22 -10.68 -22.43
C LYS B 199 15.68 -9.47 -23.21
N GLU B 200 14.81 -8.68 -22.56
CA GLU B 200 14.21 -7.49 -23.13
C GLU B 200 15.23 -6.42 -23.43
N TYR B 201 16.23 -6.25 -22.52
CA TYR B 201 17.30 -5.28 -22.71
C TYR B 201 18.16 -5.59 -23.93
N SER B 202 18.41 -6.89 -24.21
CA SER B 202 19.22 -7.30 -25.36
C SER B 202 18.50 -7.03 -26.70
N VAL B 203 17.16 -7.17 -26.73
CA VAL B 203 16.38 -6.92 -27.95
C VAL B 203 16.09 -5.42 -28.16
N SER B 204 15.89 -4.67 -27.08
CA SER B 204 15.62 -3.23 -27.16
C SER B 204 16.91 -2.38 -27.09
N ARG B 205 18.07 -3.06 -27.10
CA ARG B 205 19.42 -2.48 -27.06
C ARG B 205 19.68 -1.53 -25.88
N VAL B 206 19.22 -1.95 -24.68
CA VAL B 206 19.44 -1.24 -23.41
C VAL B 206 20.75 -1.84 -22.90
N ASN B 207 21.82 -1.05 -22.97
CA ASN B 207 23.18 -1.47 -22.61
C ASN B 207 23.42 -1.42 -21.09
N VAL B 208 22.52 -2.04 -20.33
CA VAL B 208 22.59 -2.09 -18.86
C VAL B 208 22.69 -3.57 -18.49
N SER B 209 23.75 -3.96 -17.79
CA SER B 209 23.89 -5.35 -17.38
C SER B 209 23.08 -5.63 -16.09
N ILE B 210 22.68 -6.90 -15.91
CA ILE B 210 21.93 -7.37 -14.74
C ILE B 210 22.64 -8.58 -14.20
N THR B 211 23.14 -8.46 -12.97
CA THR B 211 23.87 -9.52 -12.26
C THR B 211 23.01 -10.09 -11.13
N LEU B 212 22.65 -11.37 -11.23
CA LEU B 212 21.91 -12.05 -10.17
C LEU B 212 22.91 -12.80 -9.30
N CYS B 213 22.97 -12.49 -8.00
CA CYS B 213 23.94 -13.10 -7.07
C CYS B 213 23.32 -14.18 -6.25
N VAL B 214 23.72 -15.43 -6.47
CA VAL B 214 23.17 -16.61 -5.81
C VAL B 214 24.14 -16.98 -4.66
N LEU B 215 23.73 -16.60 -3.44
CA LEU B 215 24.58 -16.81 -2.29
C LEU B 215 24.14 -17.94 -1.41
N GLY B 216 25.12 -18.68 -0.92
CA GLY B 216 24.89 -19.69 0.10
C GLY B 216 24.83 -19.00 1.45
N LEU B 217 25.00 -19.75 2.53
CA LEU B 217 24.99 -19.19 3.89
C LEU B 217 26.22 -18.30 4.10
N ILE B 218 26.01 -17.05 4.52
CA ILE B 218 27.09 -16.05 4.72
C ILE B 218 27.14 -15.68 6.19
N ASP B 219 28.34 -15.54 6.77
CA ASP B 219 28.54 -15.27 8.20
C ASP B 219 28.13 -13.88 8.74
N THR B 220 27.00 -13.34 8.28
CA THR B 220 26.49 -12.09 8.84
C THR B 220 25.88 -12.40 10.19
N GLU B 221 25.86 -11.41 11.08
CA GLU B 221 25.30 -11.51 12.42
C GLU B 221 23.84 -12.00 12.33
N THR B 222 23.03 -11.40 11.41
CA THR B 222 21.63 -11.81 11.18
C THR B 222 21.55 -13.32 10.84
N ALA B 223 22.37 -13.78 9.87
CA ALA B 223 22.32 -15.18 9.42
C ALA B 223 22.75 -16.14 10.53
N MET B 224 23.83 -15.81 11.25
CA MET B 224 24.36 -16.66 12.33
C MET B 224 23.34 -16.85 13.44
N LYS B 225 22.65 -15.76 13.80
CA LYS B 225 21.61 -15.78 14.83
C LYS B 225 20.38 -16.60 14.35
N ALA B 226 19.90 -16.37 13.12
CA ALA B 226 18.71 -17.04 12.57
C ALA B 226 18.83 -18.53 12.42
N VAL B 227 20.03 -18.97 12.13
CA VAL B 227 20.41 -20.34 11.80
C VAL B 227 20.85 -21.25 12.98
N SER B 228 21.27 -20.67 14.12
CA SER B 228 21.76 -21.41 15.29
C SER B 228 20.82 -22.53 15.78
N GLY B 229 21.38 -23.73 15.96
CA GLY B 229 20.63 -24.90 16.38
C GLY B 229 19.82 -25.58 15.29
N ILE B 230 19.73 -24.95 14.08
CA ILE B 230 18.97 -25.50 12.94
C ILE B 230 19.94 -26.01 11.85
N VAL B 231 20.86 -25.12 11.43
CA VAL B 231 21.81 -25.36 10.35
C VAL B 231 23.20 -25.59 10.91
N HIS B 232 23.85 -26.65 10.43
CA HIS B 232 25.19 -27.08 10.82
C HIS B 232 26.27 -26.27 10.06
N MET B 233 26.05 -26.07 8.74
CA MET B 233 26.91 -25.36 7.77
C MET B 233 27.87 -24.29 8.28
N GLN B 234 29.09 -24.34 7.75
CA GLN B 234 30.11 -23.33 7.96
C GLN B 234 29.67 -22.21 6.99
N ALA B 235 29.44 -20.99 7.47
CA ALA B 235 28.99 -19.92 6.57
C ALA B 235 30.20 -19.24 5.88
N ALA B 236 30.05 -18.80 4.64
CA ALA B 236 31.12 -18.17 3.89
C ALA B 236 31.44 -16.78 4.47
N PRO B 237 32.69 -16.28 4.36
CA PRO B 237 32.96 -14.95 4.95
C PRO B 237 32.27 -13.82 4.19
N LYS B 238 31.69 -12.88 4.92
CA LYS B 238 30.95 -11.75 4.36
C LYS B 238 31.79 -10.75 3.55
N GLU B 239 33.08 -10.58 3.90
CA GLU B 239 34.00 -9.68 3.23
C GLU B 239 34.27 -10.15 1.79
N GLU B 240 34.62 -11.43 1.62
CA GLU B 240 34.89 -12.06 0.32
C GLU B 240 33.61 -12.12 -0.51
N CYS B 241 32.45 -12.39 0.15
CA CYS B 241 31.15 -12.43 -0.52
C CYS B 241 30.88 -11.07 -1.14
N ALA B 242 31.02 -10.01 -0.34
CA ALA B 242 30.84 -8.62 -0.78
C ALA B 242 31.72 -8.31 -2.01
N LEU B 243 32.98 -8.75 -1.98
CA LEU B 243 33.94 -8.53 -3.08
C LEU B 243 33.53 -9.27 -4.38
N GLU B 244 33.08 -10.53 -4.23
CA GLU B 244 32.65 -11.33 -5.40
C GLU B 244 31.42 -10.75 -6.07
N ILE B 245 30.52 -10.14 -5.28
CA ILE B 245 29.32 -9.49 -5.81
C ILE B 245 29.75 -8.30 -6.69
N ILE B 246 30.61 -7.41 -6.13
CA ILE B 246 31.13 -6.23 -6.81
C ILE B 246 31.88 -6.63 -8.09
N LYS B 247 32.74 -7.68 -8.03
CA LYS B 247 33.52 -8.17 -9.18
C LYS B 247 32.59 -8.61 -10.30
N GLY B 248 31.57 -9.40 -9.96
CA GLY B 248 30.60 -9.88 -10.94
C GLY B 248 29.84 -8.76 -11.61
N GLY B 249 29.41 -7.79 -10.82
CA GLY B 249 28.72 -6.61 -11.32
C GLY B 249 29.62 -5.79 -12.23
N ALA B 250 30.87 -5.52 -11.78
CA ALA B 250 31.86 -4.76 -12.56
C ALA B 250 32.18 -5.47 -13.89
N LEU B 251 32.21 -6.82 -13.87
CA LEU B 251 32.49 -7.63 -15.05
C LEU B 251 31.24 -7.91 -15.87
N ARG B 252 30.07 -7.38 -15.42
CA ARG B 252 28.81 -7.51 -16.15
C ARG B 252 28.41 -8.98 -16.34
N GLN B 253 28.72 -9.80 -15.34
CA GLN B 253 28.37 -11.22 -15.39
C GLN B 253 26.87 -11.34 -15.13
N GLU B 254 26.22 -12.28 -15.80
CA GLU B 254 24.78 -12.51 -15.61
C GLU B 254 24.48 -13.07 -14.23
N GLU B 255 25.35 -13.95 -13.74
CA GLU B 255 25.15 -14.57 -12.44
C GLU B 255 26.47 -14.73 -11.68
N VAL B 256 26.42 -14.53 -10.37
CA VAL B 256 27.53 -14.71 -9.45
C VAL B 256 27.07 -15.82 -8.49
N TYR B 257 27.91 -16.84 -8.32
CA TYR B 257 27.65 -17.96 -7.42
C TYR B 257 28.70 -17.91 -6.34
N TYR B 258 28.26 -17.89 -5.08
CA TYR B 258 29.16 -17.82 -3.97
C TYR B 258 28.62 -18.58 -2.76
N ASP B 259 29.29 -19.65 -2.37
CA ASP B 259 28.90 -20.47 -1.21
C ASP B 259 30.10 -21.21 -0.64
N SER B 260 29.99 -21.72 0.61
CA SER B 260 31.11 -22.43 1.23
C SER B 260 31.17 -23.90 0.86
N SER B 261 30.05 -24.47 0.38
CA SER B 261 30.01 -25.88 -0.03
C SER B 261 30.45 -26.07 -1.49
N ARG B 262 31.47 -26.91 -1.71
CA ARG B 262 32.01 -27.17 -3.04
C ARG B 262 31.02 -27.96 -3.90
N TRP B 263 30.18 -28.77 -3.25
CA TRP B 263 29.16 -29.60 -3.86
C TRP B 263 28.02 -28.78 -4.44
N THR B 264 27.53 -27.76 -3.68
CA THR B 264 26.48 -26.88 -4.18
C THR B 264 26.99 -26.10 -5.37
N THR B 265 28.26 -25.64 -5.29
CA THR B 265 28.99 -24.91 -6.33
C THR B 265 28.95 -25.70 -7.65
N LEU B 266 29.20 -27.01 -7.58
CA LEU B 266 29.21 -27.92 -8.74
C LEU B 266 27.83 -28.13 -9.36
N LEU B 267 26.78 -28.15 -8.51
CA LEU B 267 25.39 -28.44 -8.91
C LEU B 267 24.46 -27.27 -9.19
N ILE B 268 24.78 -26.08 -8.68
CA ILE B 268 23.88 -24.92 -8.79
C ILE B 268 23.56 -24.41 -10.20
N ARG B 269 24.51 -24.49 -11.14
CA ARG B 269 24.29 -24.03 -12.51
C ARG B 269 23.20 -24.86 -13.19
N ASN B 270 22.42 -24.21 -14.07
CA ASN B 270 21.35 -24.90 -14.79
C ASN B 270 21.59 -24.68 -16.28
N PRO B 271 22.54 -25.45 -16.88
CA PRO B 271 22.86 -25.27 -18.31
C PRO B 271 21.70 -25.52 -19.25
N SER B 272 20.77 -26.42 -18.84
CA SER B 272 19.60 -26.77 -19.62
C SER B 272 18.59 -25.60 -19.72
N ARG B 273 18.49 -24.74 -18.66
CA ARG B 273 17.64 -23.54 -18.67
C ARG B 273 18.23 -22.57 -19.72
N LYS B 274 19.56 -22.37 -19.69
CA LYS B 274 20.28 -21.50 -20.64
C LYS B 274 20.10 -21.93 -22.09
N ILE B 275 20.18 -23.25 -22.36
CA ILE B 275 19.98 -23.79 -23.71
C ILE B 275 18.55 -23.50 -24.14
N LEU B 276 17.58 -23.80 -23.27
CA LEU B 276 16.17 -23.60 -23.56
C LEU B 276 15.81 -22.13 -23.89
N GLU B 277 16.44 -21.17 -23.20
CA GLU B 277 16.23 -19.74 -23.42
C GLU B 277 16.85 -19.33 -24.76
N GLU B 278 18.08 -19.80 -25.06
CA GLU B 278 18.79 -19.49 -26.32
C GLU B 278 18.06 -20.06 -27.53
N LEU B 279 17.44 -21.23 -27.37
CA LEU B 279 16.66 -21.94 -28.36
C LEU B 279 15.46 -21.13 -28.80
N TYR B 280 14.76 -20.50 -27.86
CA TYR B 280 13.56 -19.80 -28.25
C TYR B 280 13.66 -18.28 -28.42
N SER B 281 14.88 -17.73 -28.29
CA SER B 281 15.17 -16.32 -28.43
C SER B 281 14.81 -15.77 -29.82
N THR B 282 14.95 -16.61 -30.87
CA THR B 282 14.63 -16.26 -32.25
C THR B 282 13.15 -16.40 -32.58
N SER B 283 12.49 -17.41 -31.98
CA SER B 283 11.05 -17.74 -32.17
C SER B 283 10.07 -16.55 -31.96
N TYR B 284 10.58 -15.39 -31.52
CA TYR B 284 9.76 -14.20 -31.25
C TYR B 284 9.91 -13.13 -32.29
N ASN B 285 8.76 -12.62 -32.74
CA ASN B 285 8.68 -11.52 -33.69
C ASN B 285 8.54 -10.26 -32.84
N MET B 286 9.68 -9.69 -32.43
CA MET B 286 9.69 -8.52 -31.56
C MET B 286 9.79 -7.17 -32.27
N ASP B 287 9.52 -7.17 -33.59
CA ASP B 287 9.49 -5.99 -34.45
C ASP B 287 8.45 -4.99 -33.94
N ARG B 288 7.30 -5.51 -33.49
CA ARG B 288 6.17 -4.79 -32.89
C ARG B 288 6.62 -3.95 -31.69
N PHE B 289 7.69 -4.41 -31.00
CA PHE B 289 8.26 -3.79 -29.80
C PHE B 289 9.65 -3.22 -30.10
N GLU C 26 -3.25 47.70 0.92
CA GLU C 26 -3.10 47.19 2.28
C GLU C 26 -1.70 46.55 2.50
N PHE C 27 -1.31 45.54 1.70
CA PHE C 27 -0.01 44.87 1.85
C PHE C 27 1.17 45.72 1.36
N ARG C 28 2.26 45.76 2.14
CA ARG C 28 3.50 46.46 1.73
C ARG C 28 4.66 45.52 2.02
N PRO C 29 5.59 45.26 1.07
CA PRO C 29 6.73 44.36 1.36
C PRO C 29 7.57 44.76 2.58
N GLU C 30 7.49 46.05 3.01
CA GLU C 30 8.15 46.58 4.22
C GLU C 30 7.66 45.84 5.47
N MET C 31 6.43 45.30 5.45
CA MET C 31 5.84 44.48 6.52
C MET C 31 6.72 43.24 6.84
N LEU C 32 7.52 42.76 5.88
CA LEU C 32 8.38 41.60 6.07
C LEU C 32 9.85 41.92 6.36
N GLN C 33 10.29 43.17 6.10
CA GLN C 33 11.68 43.58 6.33
C GLN C 33 12.09 43.36 7.82
N GLY C 34 13.15 42.58 8.03
CA GLY C 34 13.64 42.27 9.36
C GLY C 34 12.78 41.30 10.16
N LYS C 35 11.71 40.75 9.54
CA LYS C 35 10.84 39.79 10.23
C LYS C 35 11.53 38.44 10.31
N LYS C 36 11.24 37.68 11.36
CA LYS C 36 11.85 36.38 11.62
C LYS C 36 10.90 35.29 11.17
N VAL C 37 11.25 34.63 10.06
CA VAL C 37 10.33 33.68 9.40
C VAL C 37 10.91 32.30 9.22
N ILE C 38 10.10 31.28 9.59
CA ILE C 38 10.42 29.87 9.32
C ILE C 38 9.60 29.48 8.09
N VAL C 39 10.21 28.77 7.15
CA VAL C 39 9.54 28.20 5.99
C VAL C 39 9.89 26.70 5.96
N THR C 40 8.87 25.81 6.11
CA THR C 40 9.10 24.36 6.03
C THR C 40 8.91 23.93 4.59
N GLY C 41 9.41 22.74 4.22
CA GLY C 41 9.35 22.24 2.84
C GLY C 41 9.87 23.28 1.89
N ALA C 42 10.98 23.91 2.26
CA ALA C 42 11.57 25.06 1.55
C ALA C 42 12.76 24.79 0.62
N SER C 43 13.05 23.52 0.34
CA SER C 43 14.17 23.17 -0.54
C SER C 43 13.77 23.31 -2.00
N LYS C 44 12.46 23.25 -2.28
CA LYS C 44 11.91 23.33 -3.63
C LYS C 44 10.45 23.77 -3.60
N GLY C 45 9.87 23.87 -4.78
CA GLY C 45 8.47 24.23 -4.99
C GLY C 45 8.06 25.57 -4.45
N ILE C 46 6.86 25.61 -3.88
CA ILE C 46 6.30 26.82 -3.28
C ILE C 46 7.12 27.31 -2.10
N GLY C 47 7.58 26.40 -1.27
CA GLY C 47 8.40 26.70 -0.09
C GLY C 47 9.66 27.46 -0.43
N ARG C 48 10.39 26.99 -1.44
CA ARG C 48 11.61 27.66 -1.91
C ARG C 48 11.28 29.05 -2.44
N GLU C 49 10.21 29.17 -3.25
CA GLU C 49 9.78 30.46 -3.78
C GLU C 49 9.40 31.43 -2.67
N MET C 50 8.79 30.92 -1.57
CA MET C 50 8.45 31.76 -0.42
C MET C 50 9.71 32.26 0.26
N ALA C 51 10.73 31.37 0.43
CA ALA C 51 12.00 31.72 1.06
C ALA C 51 12.68 32.83 0.21
N TYR C 52 12.61 32.69 -1.14
CA TYR C 52 13.19 33.66 -2.07
C TYR C 52 12.48 35.01 -1.98
N HIS C 53 11.13 35.02 -1.89
CA HIS C 53 10.37 36.27 -1.74
C HIS C 53 10.73 36.97 -0.44
N LEU C 54 10.80 36.20 0.65
CA LEU C 54 11.12 36.71 1.97
C LEU C 54 12.52 37.30 2.01
N ALA C 55 13.48 36.64 1.34
CA ALA C 55 14.87 37.05 1.17
C ALA C 55 14.92 38.40 0.45
N LYS C 56 14.20 38.53 -0.69
CA LYS C 56 14.10 39.78 -1.47
C LYS C 56 13.56 40.90 -0.62
N MET C 57 12.63 40.59 0.27
CA MET C 57 12.00 41.56 1.16
C MET C 57 12.84 41.90 2.42
N GLY C 58 13.98 41.24 2.60
CA GLY C 58 14.91 41.51 3.70
C GLY C 58 14.53 40.90 5.03
N ALA C 59 13.84 39.76 4.98
CA ALA C 59 13.45 39.07 6.20
C ALA C 59 14.63 38.17 6.64
N HIS C 60 14.61 37.74 7.90
CA HIS C 60 15.50 36.71 8.42
C HIS C 60 14.75 35.40 8.16
N VAL C 61 15.39 34.44 7.50
CA VAL C 61 14.74 33.17 7.20
C VAL C 61 15.48 31.97 7.74
N VAL C 62 14.70 30.98 8.19
CA VAL C 62 15.20 29.66 8.55
C VAL C 62 14.37 28.67 7.73
N VAL C 63 15.03 27.98 6.84
CA VAL C 63 14.39 27.00 5.95
C VAL C 63 14.65 25.56 6.42
N THR C 64 13.71 24.66 6.13
CA THR C 64 13.85 23.25 6.47
C THR C 64 13.25 22.37 5.41
N ALA C 65 13.74 21.13 5.34
CA ALA C 65 13.39 20.02 4.42
C ALA C 65 14.35 18.91 4.80
N ARG C 66 14.32 17.77 4.12
CA ARG C 66 15.21 16.67 4.45
C ARG C 66 16.61 16.82 3.82
N SER C 67 16.69 17.34 2.58
CA SER C 67 17.95 17.47 1.84
C SER C 67 18.80 18.67 2.25
N LYS C 68 19.89 18.41 2.98
CA LYS C 68 20.81 19.47 3.42
C LYS C 68 21.49 20.16 2.24
N GLU C 69 21.85 19.39 1.17
CA GLU C 69 22.55 19.92 0.01
C GLU C 69 21.66 20.87 -0.78
N THR C 70 20.38 20.54 -0.91
CA THR C 70 19.42 21.44 -1.58
C THR C 70 19.15 22.66 -0.69
N LEU C 71 19.06 22.45 0.64
CA LEU C 71 18.82 23.55 1.58
C LEU C 71 19.99 24.50 1.61
N GLN C 72 21.22 24.01 1.40
CA GLN C 72 22.46 24.79 1.37
C GLN C 72 22.41 25.85 0.25
N LYS C 73 21.94 25.43 -0.91
CA LYS C 73 21.77 26.19 -2.15
C LYS C 73 20.67 27.26 -2.03
N VAL C 74 19.57 26.95 -1.34
CA VAL C 74 18.44 27.87 -1.09
C VAL C 74 18.94 29.01 -0.19
N VAL C 75 19.67 28.66 0.87
CA VAL C 75 20.27 29.63 1.80
C VAL C 75 21.23 30.60 1.05
N SER C 76 22.15 30.06 0.22
CA SER C 76 23.10 30.90 -0.54
C SER C 76 22.33 31.87 -1.45
N HIS C 77 21.28 31.38 -2.12
CA HIS C 77 20.49 32.25 -3.01
C HIS C 77 19.70 33.27 -2.21
N CYS C 78 19.22 32.91 -0.99
CA CYS C 78 18.54 33.84 -0.08
C CYS C 78 19.46 34.97 0.34
N LEU C 79 20.71 34.65 0.66
CA LEU C 79 21.70 35.67 1.04
C LEU C 79 22.01 36.61 -0.12
N GLU C 80 22.10 36.06 -1.34
CA GLU C 80 22.36 36.80 -2.57
C GLU C 80 21.20 37.74 -2.87
N LEU C 81 19.95 37.27 -2.58
CA LEU C 81 18.71 38.04 -2.80
C LEU C 81 18.52 39.21 -1.85
N GLY C 82 19.27 39.20 -0.75
CA GLY C 82 19.23 40.27 0.22
C GLY C 82 18.62 39.89 1.56
N ALA C 83 18.58 38.60 1.90
CA ALA C 83 18.01 38.21 3.20
C ALA C 83 18.83 38.86 4.33
N ALA C 84 18.13 39.35 5.41
CA ALA C 84 18.81 39.93 6.59
C ALA C 84 19.71 38.84 7.21
N SER C 85 19.28 37.57 7.09
CA SER C 85 20.01 36.34 7.48
C SER C 85 19.24 35.15 6.90
N ALA C 86 19.95 34.04 6.67
CA ALA C 86 19.40 32.82 6.11
C ALA C 86 20.20 31.66 6.66
N HIS C 87 19.49 30.65 7.18
CA HIS C 87 20.06 29.45 7.74
C HIS C 87 19.13 28.31 7.39
N TYR C 88 19.63 27.08 7.49
CA TYR C 88 18.81 25.91 7.28
C TYR C 88 19.08 24.96 8.40
N ILE C 89 18.12 24.06 8.64
CA ILE C 89 18.22 22.95 9.61
C ILE C 89 17.53 21.82 8.86
N ALA C 90 18.24 20.74 8.55
CA ALA C 90 17.70 19.64 7.81
C ALA C 90 17.14 18.58 8.76
N GLY C 91 16.05 17.95 8.35
CA GLY C 91 15.43 16.87 9.11
C GLY C 91 14.10 16.43 8.54
N THR C 92 13.56 15.34 9.05
CA THR C 92 12.28 14.84 8.61
C THR C 92 11.16 15.18 9.58
N MET C 93 10.04 15.64 9.02
CA MET C 93 8.85 15.99 9.79
C MET C 93 8.01 14.75 10.16
N GLU C 94 8.54 13.53 9.90
CA GLU C 94 7.95 12.26 10.37
C GLU C 94 8.36 12.12 11.85
N ASP C 95 9.47 12.80 12.21
CA ASP C 95 10.04 12.82 13.55
C ASP C 95 9.59 14.07 14.35
N MET C 96 8.67 13.84 15.32
CA MET C 96 8.06 14.88 16.16
C MET C 96 9.07 15.53 17.07
N THR C 97 10.11 14.77 17.46
CA THR C 97 11.17 15.37 18.27
C THR C 97 12.03 16.32 17.43
N PHE C 98 12.27 15.99 16.16
CA PHE C 98 12.97 16.92 15.26
C PHE C 98 12.12 18.19 15.09
N ALA C 99 10.80 18.02 14.83
CA ALA C 99 9.83 19.11 14.64
C ALA C 99 9.88 20.11 15.79
N GLU C 100 9.87 19.61 17.02
CA GLU C 100 9.93 20.37 18.26
C GLU C 100 11.29 21.08 18.43
N GLN C 101 12.39 20.35 18.19
CA GLN C 101 13.75 20.91 18.35
C GLN C 101 14.10 21.87 17.24
N PHE C 102 13.59 21.63 16.02
CA PHE C 102 13.82 22.54 14.88
C PHE C 102 13.33 23.96 15.20
N VAL C 103 12.11 24.08 15.76
CA VAL C 103 11.54 25.39 16.10
C VAL C 103 12.41 26.15 17.13
N ALA C 104 12.82 25.47 18.23
CA ALA C 104 13.65 26.06 19.27
C ALA C 104 14.97 26.56 18.67
N GLN C 105 15.60 25.73 17.82
CA GLN C 105 16.86 26.08 17.15
C GLN C 105 16.68 27.24 16.18
N ALA C 106 15.61 27.22 15.34
CA ALA C 106 15.34 28.34 14.41
C ALA C 106 15.10 29.64 15.16
N GLY C 107 14.41 29.56 16.30
CA GLY C 107 14.14 30.70 17.16
C GLY C 107 15.40 31.33 17.75
N LYS C 108 16.38 30.47 18.11
CA LYS C 108 17.69 30.88 18.65
C LYS C 108 18.53 31.51 17.54
N LEU C 109 18.51 30.91 16.33
CA LEU C 109 19.23 31.44 15.17
C LEU C 109 18.79 32.85 14.76
N MET C 110 17.49 33.16 14.90
CA MET C 110 16.96 34.48 14.54
C MET C 110 16.72 35.43 15.72
N GLY C 111 16.75 34.91 16.94
CA GLY C 111 16.48 35.72 18.11
C GLY C 111 14.99 35.97 18.27
N GLY C 112 14.17 35.02 17.83
CA GLY C 112 12.71 35.13 17.91
C GLY C 112 12.01 34.59 16.67
N LEU C 113 10.69 34.80 16.60
CA LEU C 113 9.88 34.29 15.50
C LEU C 113 8.65 35.15 15.30
N ASP C 114 8.43 35.60 14.07
CA ASP C 114 7.28 36.44 13.69
C ASP C 114 6.27 35.67 12.89
N MET C 115 6.73 34.74 12.05
CA MET C 115 5.86 33.99 11.13
C MET C 115 6.35 32.57 10.99
N LEU C 116 5.42 31.62 11.12
CA LEU C 116 5.67 30.19 10.96
C LEU C 116 4.89 29.74 9.73
N ILE C 117 5.59 29.41 8.65
CA ILE C 117 4.93 28.99 7.41
C ILE C 117 5.05 27.53 7.33
N LEU C 118 3.93 26.83 7.48
CA LEU C 118 3.85 25.38 7.47
C LEU C 118 3.44 24.95 6.09
N ASN C 119 4.38 24.33 5.36
CA ASN C 119 4.23 24.04 3.93
C ASN C 119 4.57 22.61 3.48
N HIS C 120 5.47 21.93 4.17
CA HIS C 120 5.87 20.56 3.83
C HIS C 120 4.72 19.55 3.82
N ILE C 121 4.87 18.49 3.02
CA ILE C 121 3.93 17.35 2.96
C ILE C 121 4.79 16.13 2.70
N THR C 122 4.26 14.93 2.92
CA THR C 122 4.99 13.71 2.56
C THR C 122 4.76 13.50 1.05
N ASN C 123 5.74 12.88 0.34
CA ASN C 123 5.59 12.62 -1.11
C ASN C 123 4.34 11.80 -1.40
N THR C 124 3.55 12.31 -2.35
CA THR C 124 2.23 11.81 -2.70
C THR C 124 2.14 11.73 -4.22
N SER C 125 1.54 10.66 -4.70
CA SER C 125 1.25 10.46 -6.13
C SER C 125 -0.27 10.23 -6.27
N LEU C 126 -0.81 10.41 -7.48
CA LEU C 126 -2.22 10.22 -7.75
C LEU C 126 -2.49 8.73 -7.92
N ASN C 127 -3.37 8.18 -7.08
CA ASN C 127 -3.74 6.76 -7.09
C ASN C 127 -5.11 6.54 -6.52
N LEU C 128 -5.79 5.47 -6.96
CA LEU C 128 -7.06 5.10 -6.36
C LEU C 128 -6.71 4.51 -5.00
N PHE C 129 -7.53 4.78 -3.98
CA PHE C 129 -7.25 4.18 -2.69
C PHE C 129 -7.68 2.71 -2.68
N HIS C 130 -6.81 1.82 -2.18
CA HIS C 130 -7.15 0.39 -2.06
C HIS C 130 -6.97 -0.10 -0.64
N ASP C 131 -5.71 -0.18 -0.17
CA ASP C 131 -5.42 -0.69 1.16
C ASP C 131 -4.13 -0.15 1.77
N ASP C 132 -3.59 0.94 1.21
CA ASP C 132 -2.34 1.52 1.70
C ASP C 132 -2.52 2.31 2.99
N ILE C 133 -2.70 1.61 4.12
CA ILE C 133 -2.87 2.21 5.45
C ILE C 133 -1.64 3.01 5.88
N HIS C 134 -0.43 2.51 5.58
CA HIS C 134 0.81 3.19 5.95
C HIS C 134 0.89 4.56 5.27
N HIS C 135 0.42 4.63 4.03
CA HIS C 135 0.40 5.92 3.36
C HIS C 135 -0.60 6.90 4.03
N VAL C 136 -1.77 6.40 4.48
CA VAL C 136 -2.77 7.22 5.19
C VAL C 136 -2.16 7.74 6.49
N ARG C 137 -1.54 6.85 7.26
CA ARG C 137 -0.91 7.20 8.53
C ARG C 137 0.26 8.19 8.33
N LYS C 138 1.12 7.92 7.35
CA LYS C 138 2.26 8.78 7.07
C LYS C 138 1.78 10.17 6.65
N SER C 139 0.72 10.23 5.83
CA SER C 139 0.14 11.50 5.40
C SER C 139 -0.39 12.25 6.62
N MET C 140 -1.10 11.54 7.54
CA MET C 140 -1.59 12.19 8.75
C MET C 140 -0.47 12.70 9.64
N GLU C 141 0.62 11.92 9.81
CA GLU C 141 1.76 12.31 10.65
C GLU C 141 2.52 13.53 10.10
N VAL C 142 2.94 13.47 8.83
CA VAL C 142 3.74 14.55 8.24
C VAL C 142 2.89 15.78 7.91
N ASN C 143 1.77 15.59 7.15
CA ASN C 143 0.96 16.71 6.66
C ASN C 143 0.13 17.40 7.71
N PHE C 144 -0.18 16.70 8.79
CA PHE C 144 -1.04 17.23 9.83
C PHE C 144 -0.39 17.25 11.22
N LEU C 145 -0.07 16.09 11.80
CA LEU C 145 0.48 16.03 13.16
C LEU C 145 1.70 16.93 13.38
N SER C 146 2.69 16.85 12.47
CA SER C 146 3.89 17.68 12.53
C SER C 146 3.56 19.17 12.56
N TYR C 147 2.50 19.62 11.87
CA TYR C 147 2.06 21.04 11.88
C TYR C 147 1.58 21.43 13.27
N VAL C 148 0.89 20.52 13.96
CA VAL C 148 0.41 20.75 15.33
C VAL C 148 1.63 20.85 16.25
N VAL C 149 2.61 19.93 16.08
CA VAL C 149 3.83 19.90 16.89
C VAL C 149 4.64 21.18 16.73
N LEU C 150 4.82 21.63 15.47
CA LEU C 150 5.53 22.85 15.14
C LEU C 150 4.84 24.07 15.72
N THR C 151 3.49 24.07 15.72
CA THR C 151 2.68 25.17 16.26
C THR C 151 2.88 25.28 17.78
N VAL C 152 2.80 24.15 18.50
CA VAL C 152 3.02 24.11 19.96
C VAL C 152 4.40 24.65 20.29
N ALA C 153 5.44 24.21 19.58
CA ALA C 153 6.82 24.65 19.80
C ALA C 153 6.99 26.12 19.45
N ALA C 154 6.27 26.62 18.46
CA ALA C 154 6.41 28.02 18.02
C ALA C 154 5.57 29.04 18.78
N LEU C 155 4.44 28.61 19.37
CA LEU C 155 3.49 29.49 20.04
C LEU C 155 4.06 30.49 21.04
N PRO C 156 4.90 30.08 22.03
CA PRO C 156 5.47 31.07 22.96
C PRO C 156 6.17 32.25 22.26
N MET C 157 7.00 31.98 21.22
CA MET C 157 7.67 33.07 20.50
C MET C 157 6.70 33.88 19.66
N LEU C 158 5.70 33.21 19.06
CA LEU C 158 4.67 33.91 18.27
C LEU C 158 3.81 34.81 19.17
N LYS C 159 3.55 34.39 20.42
CA LYS C 159 2.81 35.19 21.40
C LYS C 159 3.61 36.45 21.75
N GLN C 160 4.95 36.33 21.88
CA GLN C 160 5.83 37.47 22.17
C GLN C 160 5.79 38.50 21.05
N SER C 161 5.75 38.06 19.80
CA SER C 161 5.75 38.98 18.66
C SER C 161 4.39 39.30 18.09
N ASN C 162 3.30 38.72 18.65
CA ASN C 162 1.95 38.83 18.07
C ASN C 162 2.04 38.38 16.59
N GLY C 163 2.70 37.24 16.41
CA GLY C 163 3.03 36.68 15.11
C GLY C 163 1.90 35.97 14.38
N SER C 164 2.31 35.20 13.37
CA SER C 164 1.42 34.53 12.45
C SER C 164 1.79 33.11 12.15
N ILE C 165 0.77 32.25 11.99
CA ILE C 165 0.89 30.87 11.56
C ILE C 165 0.27 30.84 10.18
N VAL C 166 1.00 30.31 9.20
CA VAL C 166 0.55 30.15 7.83
C VAL C 166 0.51 28.67 7.54
N VAL C 167 -0.70 28.18 7.27
CA VAL C 167 -0.92 26.77 7.00
C VAL C 167 -1.21 26.55 5.52
N VAL C 168 -0.32 25.85 4.83
CA VAL C 168 -0.52 25.62 3.40
C VAL C 168 -1.43 24.42 3.16
N SER C 169 -2.59 24.67 2.54
CA SER C 169 -3.56 23.65 2.28
C SER C 169 -3.80 23.54 0.76
N SER C 170 -4.99 23.08 0.37
CA SER C 170 -5.30 22.84 -1.02
C SER C 170 -6.78 22.89 -1.22
N LEU C 171 -7.25 23.07 -2.47
CA LEU C 171 -8.65 22.91 -2.86
C LEU C 171 -9.10 21.54 -2.31
N ALA C 172 -8.24 20.52 -2.42
CA ALA C 172 -8.51 19.17 -1.91
C ALA C 172 -8.69 19.14 -0.38
N GLY C 173 -8.36 20.25 0.30
CA GLY C 173 -8.59 20.38 1.73
C GLY C 173 -9.93 21.02 2.03
N LYS C 174 -10.75 21.31 0.98
CA LYS C 174 -12.06 21.97 1.12
C LYS C 174 -13.18 21.25 0.38
N VAL C 175 -12.80 20.52 -0.66
CA VAL C 175 -13.69 19.86 -1.61
C VAL C 175 -13.12 18.47 -1.94
N ALA C 176 -14.01 17.54 -2.32
CA ALA C 176 -13.62 16.16 -2.65
C ALA C 176 -13.19 15.97 -4.10
N TYR C 177 -12.05 15.30 -4.26
CA TYR C 177 -11.47 14.92 -5.54
C TYR C 177 -11.08 13.46 -5.45
N PRO C 178 -11.17 12.70 -6.55
CA PRO C 178 -10.64 11.32 -6.50
C PRO C 178 -9.10 11.38 -6.60
N LEU C 179 -8.44 10.25 -6.25
CA LEU C 179 -6.98 10.01 -6.37
C LEU C 179 -6.09 10.61 -5.28
N VAL C 180 -6.67 11.32 -4.31
CA VAL C 180 -5.94 12.01 -3.23
C VAL C 180 -6.63 11.78 -1.86
N ALA C 181 -7.26 10.63 -1.62
CA ALA C 181 -7.98 10.37 -0.37
C ALA C 181 -7.22 10.68 0.94
N ALA C 182 -6.04 10.12 1.12
CA ALA C 182 -5.20 10.31 2.32
C ALA C 182 -4.69 11.75 2.41
N TYR C 183 -4.29 12.33 1.27
CA TYR C 183 -3.82 13.70 1.16
C TYR C 183 -4.99 14.66 1.55
N SER C 184 -6.21 14.39 1.03
CA SER C 184 -7.40 15.18 1.33
C SER C 184 -7.78 15.12 2.76
N ALA C 185 -7.76 13.92 3.35
CA ALA C 185 -8.04 13.72 4.78
C ALA C 185 -7.09 14.59 5.60
N SER C 186 -5.77 14.56 5.28
CA SER C 186 -4.80 15.37 6.04
C SER C 186 -5.00 16.89 5.90
N LYS C 187 -5.45 17.35 4.72
CA LYS C 187 -5.69 18.77 4.46
C LYS C 187 -6.99 19.22 5.09
N PHE C 188 -8.03 18.37 5.08
CA PHE C 188 -9.30 18.63 5.77
C PHE C 188 -9.03 18.69 7.30
N ALA C 189 -8.17 17.77 7.83
CA ALA C 189 -7.81 17.76 9.26
C ALA C 189 -7.18 19.07 9.68
N LEU C 190 -6.31 19.65 8.81
CA LEU C 190 -5.67 20.94 9.10
C LEU C 190 -6.71 22.02 9.27
N ASP C 191 -7.74 22.02 8.39
CA ASP C 191 -8.81 23.02 8.43
C ASP C 191 -9.54 22.87 9.77
N GLY C 192 -9.97 21.67 10.08
CA GLY C 192 -10.68 21.39 11.32
C GLY C 192 -9.89 21.82 12.54
N PHE C 193 -8.62 21.40 12.65
CA PHE C 193 -7.78 21.74 13.79
C PHE C 193 -7.49 23.22 13.91
N PHE C 194 -6.91 23.82 12.86
CA PHE C 194 -6.48 25.23 12.93
C PHE C 194 -7.64 26.22 12.98
N SER C 195 -8.78 25.86 12.40
CA SER C 195 -9.93 26.74 12.46
C SER C 195 -10.51 26.74 13.87
N SER C 196 -10.45 25.58 14.56
CA SER C 196 -10.94 25.45 15.95
C SER C 196 -10.04 26.22 16.88
N ILE C 197 -8.73 26.10 16.70
CA ILE C 197 -7.67 26.80 17.45
C ILE C 197 -7.78 28.32 17.26
N ARG C 198 -8.08 28.76 16.00
CA ARG C 198 -8.29 30.19 15.74
C ARG C 198 -9.48 30.73 16.59
N LYS C 199 -10.60 29.97 16.72
CA LYS C 199 -11.74 30.39 17.56
C LYS C 199 -11.29 30.51 19.02
N GLU C 200 -10.48 29.53 19.48
CA GLU C 200 -9.92 29.45 20.83
C GLU C 200 -9.02 30.64 21.10
N TYR C 201 -8.20 31.06 20.12
CA TYR C 201 -7.29 32.22 20.25
C TYR C 201 -8.03 33.54 20.42
N SER C 202 -9.18 33.71 19.73
CA SER C 202 -9.99 34.94 19.81
C SER C 202 -10.67 35.08 21.17
N VAL C 203 -11.09 33.96 21.78
CA VAL C 203 -11.72 33.99 23.11
C VAL C 203 -10.71 34.12 24.26
N SER C 204 -9.53 33.49 24.12
CA SER C 204 -8.46 33.53 25.11
C SER C 204 -7.50 34.70 24.89
N ARG C 205 -7.79 35.54 23.89
CA ARG C 205 -7.00 36.73 23.52
C ARG C 205 -5.54 36.47 23.18
N VAL C 206 -5.28 35.39 22.43
CA VAL C 206 -3.95 34.99 21.91
C VAL C 206 -3.88 35.73 20.59
N ASN C 207 -3.07 36.81 20.56
CA ASN C 207 -2.90 37.69 19.42
C ASN C 207 -1.97 37.11 18.33
N VAL C 208 -2.26 35.86 17.90
CA VAL C 208 -1.49 35.15 16.88
C VAL C 208 -2.47 34.80 15.78
N SER C 209 -2.23 35.31 14.56
CA SER C 209 -3.14 35.01 13.44
C SER C 209 -2.85 33.61 12.84
N ILE C 210 -3.86 33.02 12.21
CA ILE C 210 -3.79 31.72 11.54
C ILE C 210 -4.38 31.88 10.15
N THR C 211 -3.54 31.68 9.13
CA THR C 211 -3.91 31.79 7.72
C THR C 211 -3.92 30.42 7.07
N LEU C 212 -5.08 29.99 6.60
CA LEU C 212 -5.21 28.73 5.89
C LEU C 212 -5.17 29.03 4.38
N CYS C 213 -4.20 28.46 3.66
CA CYS C 213 -4.01 28.74 2.23
C CYS C 213 -4.59 27.63 1.38
N VAL C 214 -5.65 27.94 0.63
CA VAL C 214 -6.37 26.98 -0.21
C VAL C 214 -5.88 27.17 -1.64
N LEU C 215 -5.00 26.26 -2.06
CA LEU C 215 -4.37 26.34 -3.36
C LEU C 215 -4.91 25.37 -4.36
N GLY C 216 -5.02 25.84 -5.60
CA GLY C 216 -5.37 24.97 -6.71
C GLY C 216 -4.09 24.37 -7.24
N LEU C 217 -4.12 23.85 -8.46
CA LEU C 217 -2.93 23.28 -9.10
C LEU C 217 -1.84 24.33 -9.36
N ILE C 218 -0.64 24.09 -8.84
CA ILE C 218 0.51 25.01 -8.93
C ILE C 218 1.62 24.32 -9.72
N ASP C 219 2.28 25.06 -10.62
CA ASP C 219 3.32 24.51 -11.51
C ASP C 219 4.66 24.09 -10.90
N THR C 220 4.64 23.44 -9.72
CA THR C 220 5.88 22.91 -9.14
C THR C 220 6.25 21.67 -9.93
N GLU C 221 7.54 21.33 -9.96
CA GLU C 221 8.06 20.15 -10.67
C GLU C 221 7.33 18.88 -10.16
N THR C 222 7.18 18.75 -8.83
CA THR C 222 6.47 17.62 -8.21
C THR C 222 5.02 17.52 -8.74
N ALA C 223 4.28 18.64 -8.76
CA ALA C 223 2.88 18.65 -9.23
C ALA C 223 2.76 18.33 -10.69
N MET C 224 3.62 18.93 -11.53
CA MET C 224 3.63 18.71 -12.97
C MET C 224 3.88 17.25 -13.31
N LYS C 225 4.82 16.61 -12.61
CA LYS C 225 5.14 15.20 -12.80
C LYS C 225 3.97 14.29 -12.36
N ALA C 226 3.40 14.54 -11.16
CA ALA C 226 2.31 13.73 -10.60
C ALA C 226 1.02 13.74 -11.42
N VAL C 227 0.74 14.86 -12.02
CA VAL C 227 -0.46 15.19 -12.76
C VAL C 227 -0.47 14.88 -14.30
N SER C 228 0.72 14.76 -14.94
CA SER C 228 0.86 14.55 -16.40
C SER C 228 0.03 13.40 -16.96
N GLY C 229 -0.76 13.72 -17.98
CA GLY C 229 -1.63 12.73 -18.62
C GLY C 229 -2.92 12.43 -17.88
N ILE C 230 -3.08 12.94 -16.63
CA ILE C 230 -4.29 12.73 -15.81
C ILE C 230 -5.12 14.02 -15.74
N VAL C 231 -4.48 15.13 -15.32
CA VAL C 231 -5.14 16.41 -15.14
C VAL C 231 -4.83 17.34 -16.31
N HIS C 232 -5.89 17.92 -16.89
CA HIS C 232 -5.74 18.80 -18.03
C HIS C 232 -5.66 20.26 -17.65
N MET C 233 -6.23 20.64 -16.49
CA MET C 233 -6.24 21.99 -15.92
C MET C 233 -4.83 22.66 -15.95
N GLN C 234 -4.78 23.93 -16.37
CA GLN C 234 -3.55 24.72 -16.40
C GLN C 234 -3.15 25.04 -14.96
N ALA C 235 -1.86 24.86 -14.64
CA ALA C 235 -1.37 25.09 -13.28
C ALA C 235 -0.96 26.53 -13.14
N ALA C 236 -1.29 27.13 -11.98
CA ALA C 236 -0.95 28.50 -11.67
C ALA C 236 0.57 28.63 -11.41
N PRO C 237 1.19 29.82 -11.63
CA PRO C 237 2.65 29.93 -11.39
C PRO C 237 3.02 29.92 -9.90
N LYS C 238 4.09 29.18 -9.56
CA LYS C 238 4.57 29.02 -8.19
C LYS C 238 5.09 30.30 -7.50
N GLU C 239 5.68 31.23 -8.29
CA GLU C 239 6.25 32.47 -7.77
C GLU C 239 5.16 33.38 -7.22
N GLU C 240 4.08 33.59 -8.00
CA GLU C 240 2.92 34.40 -7.63
C GLU C 240 2.17 33.74 -6.46
N CYS C 241 2.08 32.39 -6.50
CA CYS C 241 1.44 31.62 -5.43
C CYS C 241 2.16 31.88 -4.11
N ALA C 242 3.50 31.75 -4.13
CA ALA C 242 4.35 31.98 -2.96
C ALA C 242 4.11 33.39 -2.39
N LEU C 243 4.00 34.42 -3.27
CA LEU C 243 3.77 35.80 -2.87
C LEU C 243 2.39 36.00 -2.22
N GLU C 244 1.33 35.38 -2.80
CA GLU C 244 -0.03 35.47 -2.25
C GLU C 244 -0.14 34.85 -0.87
N ILE C 245 0.61 33.77 -0.61
CA ILE C 245 0.66 33.12 0.70
C ILE C 245 1.26 34.10 1.73
N ILE C 246 2.43 34.68 1.41
CA ILE C 246 3.13 35.66 2.26
C ILE C 246 2.24 36.88 2.54
N LYS C 247 1.58 37.43 1.50
CA LYS C 247 0.69 38.58 1.64
C LYS C 247 -0.44 38.29 2.60
N GLY C 248 -1.10 37.15 2.42
CA GLY C 248 -2.20 36.76 3.29
C GLY C 248 -1.78 36.59 4.74
N GLY C 249 -0.63 35.96 4.95
CA GLY C 249 -0.07 35.78 6.29
C GLY C 249 0.27 37.11 6.92
N ALA C 250 0.96 38.00 6.16
CA ALA C 250 1.37 39.32 6.64
C ALA C 250 0.10 40.17 6.98
N LEU C 251 -0.97 40.00 6.17
CA LEU C 251 -2.22 40.71 6.38
C LEU C 251 -3.12 40.04 7.39
N ARG C 252 -2.68 38.89 7.96
CA ARG C 252 -3.40 38.19 9.01
C ARG C 252 -4.80 37.75 8.53
N GLN C 253 -4.88 37.39 7.26
CA GLN C 253 -6.14 36.94 6.68
C GLN C 253 -6.39 35.54 7.18
N GLU C 254 -7.66 35.20 7.39
CA GLU C 254 -8.01 33.86 7.85
C GLU C 254 -7.79 32.83 6.78
N GLU C 255 -8.09 33.18 5.53
CA GLU C 255 -7.92 32.28 4.41
C GLU C 255 -7.37 32.98 3.18
N VAL C 256 -6.52 32.28 2.42
CA VAL C 256 -5.95 32.78 1.17
C VAL C 256 -6.40 31.75 0.13
N TYR C 257 -6.99 32.24 -0.97
CA TYR C 257 -7.45 31.42 -2.08
C TYR C 257 -6.62 31.75 -3.29
N TYR C 258 -6.03 30.74 -3.92
CA TYR C 258 -5.19 30.92 -5.10
C TYR C 258 -5.31 29.73 -6.08
N ASP C 259 -5.96 29.91 -7.24
CA ASP C 259 -6.14 28.88 -8.29
C ASP C 259 -6.15 29.55 -9.68
N SER C 260 -5.98 28.78 -10.73
CA SER C 260 -5.95 29.32 -12.10
C SER C 260 -7.36 29.60 -12.65
N SER C 261 -8.38 28.92 -12.13
CA SER C 261 -9.77 29.07 -12.57
C SER C 261 -10.54 30.15 -11.80
N ARG C 262 -11.26 31.03 -12.53
CA ARG C 262 -12.08 32.10 -11.96
C ARG C 262 -13.33 31.53 -11.28
N TRP C 263 -13.86 30.45 -11.85
CA TRP C 263 -14.99 29.75 -11.30
C TRP C 263 -14.67 29.06 -9.94
N THR C 264 -13.43 28.51 -9.80
CA THR C 264 -12.97 27.86 -8.59
C THR C 264 -12.98 28.87 -7.44
N THR C 265 -12.48 30.06 -7.68
CA THR C 265 -12.38 31.18 -6.73
C THR C 265 -13.76 31.62 -6.26
N LEU C 266 -14.77 31.53 -7.13
CA LEU C 266 -16.15 31.87 -6.80
C LEU C 266 -16.74 30.82 -5.84
N LEU C 267 -16.70 29.56 -6.28
CA LEU C 267 -17.29 28.44 -5.59
C LEU C 267 -16.57 27.94 -4.34
N ILE C 268 -15.29 28.24 -4.19
CA ILE C 268 -14.52 27.78 -3.05
C ILE C 268 -14.91 28.35 -1.67
N ARG C 269 -15.41 29.60 -1.62
CA ARG C 269 -15.81 30.23 -0.38
C ARG C 269 -17.05 29.58 0.23
N ASN C 270 -17.09 29.53 1.56
CA ASN C 270 -18.22 28.92 2.26
C ASN C 270 -18.81 29.94 3.24
N PRO C 271 -19.63 30.91 2.74
CA PRO C 271 -20.23 31.91 3.64
C PRO C 271 -21.18 31.35 4.71
N SER C 272 -21.91 30.27 4.36
CA SER C 272 -22.82 29.59 5.28
C SER C 272 -22.08 29.08 6.50
N ARG C 273 -20.86 28.56 6.30
CA ARG C 273 -20.01 28.09 7.40
C ARG C 273 -19.72 29.26 8.39
N LYS C 274 -19.35 30.42 7.86
CA LYS C 274 -19.07 31.61 8.65
C LYS C 274 -20.30 32.05 9.48
N ILE C 275 -21.49 32.01 8.88
CA ILE C 275 -22.72 32.35 9.61
C ILE C 275 -22.98 31.34 10.73
N LEU C 276 -22.88 30.06 10.40
CA LEU C 276 -23.08 28.95 11.34
C LEU C 276 -22.14 29.01 12.53
N GLU C 277 -20.91 29.53 12.30
CA GLU C 277 -19.90 29.68 13.35
C GLU C 277 -20.30 30.79 14.30
N GLU C 278 -20.74 31.97 13.76
CA GLU C 278 -21.21 33.11 14.56
C GLU C 278 -22.44 32.76 15.41
N LEU C 279 -23.35 31.95 14.84
CA LEU C 279 -24.58 31.45 15.45
C LEU C 279 -24.24 30.60 16.67
N GLU D 26 -40.41 7.39 1.12
CA GLU D 26 -39.34 6.66 0.46
C GLU D 26 -38.84 5.50 1.34
N PHE D 27 -38.53 5.77 2.62
CA PHE D 27 -38.05 4.73 3.54
C PHE D 27 -39.16 3.86 4.08
N ARG D 28 -38.88 2.56 4.12
CA ARG D 28 -39.75 1.55 4.68
C ARG D 28 -38.86 0.68 5.58
N PRO D 29 -39.23 0.43 6.87
CA PRO D 29 -38.39 -0.43 7.73
C PRO D 29 -38.09 -1.83 7.15
N GLU D 30 -38.91 -2.31 6.18
CA GLU D 30 -38.74 -3.57 5.43
C GLU D 30 -37.39 -3.58 4.70
N MET D 31 -36.85 -2.38 4.34
CA MET D 31 -35.54 -2.21 3.69
C MET D 31 -34.41 -2.83 4.53
N LEU D 32 -34.58 -2.90 5.87
CA LEU D 32 -33.58 -3.46 6.77
C LEU D 32 -33.82 -4.91 7.20
N GLN D 33 -35.02 -5.47 6.95
CA GLN D 33 -35.36 -6.84 7.32
C GLN D 33 -34.37 -7.85 6.69
N GLY D 34 -33.73 -8.64 7.54
CA GLY D 34 -32.75 -9.65 7.13
C GLY D 34 -31.42 -9.10 6.65
N LYS D 35 -31.22 -7.75 6.74
CA LYS D 35 -29.95 -7.14 6.33
C LYS D 35 -28.88 -7.42 7.36
N LYS D 36 -27.63 -7.56 6.91
CA LYS D 36 -26.47 -7.89 7.75
C LYS D 36 -25.73 -6.61 8.08
N VAL D 37 -25.87 -6.16 9.33
CA VAL D 37 -25.36 -4.86 9.75
C VAL D 37 -24.36 -4.91 10.89
N ILE D 38 -23.25 -4.17 10.74
CA ILE D 38 -22.26 -3.96 11.80
C ILE D 38 -22.54 -2.56 12.35
N VAL D 39 -22.55 -2.41 13.69
CA VAL D 39 -22.67 -1.12 14.37
C VAL D 39 -21.51 -1.05 15.35
N THR D 40 -20.60 -0.06 15.20
CA THR D 40 -19.46 0.12 16.13
C THR D 40 -19.87 1.12 17.17
N GLY D 41 -19.18 1.13 18.32
CA GLY D 41 -19.49 2.01 19.44
C GLY D 41 -20.95 1.86 19.84
N ALA D 42 -21.43 0.60 19.81
CA ALA D 42 -22.83 0.23 20.01
C ALA D 42 -23.24 -0.19 21.42
N SER D 43 -22.37 0.02 22.42
CA SER D 43 -22.69 -0.36 23.80
C SER D 43 -23.59 0.69 24.45
N LYS D 44 -23.55 1.93 23.94
CA LYS D 44 -24.34 3.04 24.47
C LYS D 44 -24.53 4.13 23.42
N GLY D 45 -25.23 5.19 23.80
CA GLY D 45 -25.51 6.34 22.97
C GLY D 45 -26.24 6.05 21.68
N ILE D 46 -25.83 6.73 20.62
CA ILE D 46 -26.45 6.60 19.29
C ILE D 46 -26.25 5.19 18.72
N GLY D 47 -25.09 4.60 18.98
CA GLY D 47 -24.75 3.26 18.52
C GLY D 47 -25.73 2.21 19.03
N ARG D 48 -25.98 2.23 20.37
CA ARG D 48 -26.95 1.32 21.01
C ARG D 48 -28.35 1.48 20.40
N GLU D 49 -28.79 2.75 20.22
CA GLU D 49 -30.07 3.13 19.60
C GLU D 49 -30.15 2.64 18.15
N MET D 50 -29.00 2.50 17.50
CA MET D 50 -28.97 2.04 16.11
C MET D 50 -29.19 0.55 16.04
N ALA D 51 -28.54 -0.21 16.92
CA ALA D 51 -28.69 -1.65 17.03
C ALA D 51 -30.17 -1.99 17.32
N TYR D 52 -30.80 -1.27 18.28
CA TYR D 52 -32.19 -1.45 18.69
C TYR D 52 -33.17 -1.22 17.56
N HIS D 53 -32.99 -0.12 16.81
CA HIS D 53 -33.87 0.14 15.67
C HIS D 53 -33.71 -0.98 14.65
N LEU D 54 -32.46 -1.40 14.38
CA LEU D 54 -32.15 -2.46 13.43
C LEU D 54 -32.75 -3.79 13.89
N ALA D 55 -32.70 -4.04 15.22
CA ALA D 55 -33.27 -5.21 15.89
C ALA D 55 -34.79 -5.25 15.60
N LYS D 56 -35.52 -4.13 15.89
CA LYS D 56 -36.96 -3.95 15.65
C LYS D 56 -37.33 -4.18 14.17
N MET D 57 -36.41 -3.80 13.26
CA MET D 57 -36.55 -3.95 11.82
C MET D 57 -36.30 -5.39 11.32
N GLY D 58 -35.80 -6.24 12.20
CA GLY D 58 -35.51 -7.64 11.88
C GLY D 58 -34.21 -7.84 11.13
N ALA D 59 -33.22 -7.00 11.43
CA ALA D 59 -31.91 -7.11 10.81
C ALA D 59 -31.02 -8.04 11.64
N HIS D 60 -29.98 -8.61 10.99
CA HIS D 60 -28.92 -9.37 11.66
C HIS D 60 -27.92 -8.29 12.09
N VAL D 61 -27.56 -8.26 13.38
CA VAL D 61 -26.62 -7.25 13.87
C VAL D 61 -25.40 -7.84 14.54
N VAL D 62 -24.26 -7.18 14.36
CA VAL D 62 -23.01 -7.45 15.07
C VAL D 62 -22.57 -6.11 15.64
N VAL D 63 -22.59 -6.03 16.97
CA VAL D 63 -22.22 -4.83 17.71
C VAL D 63 -20.82 -4.93 18.29
N THR D 64 -20.14 -3.78 18.42
CA THR D 64 -18.81 -3.73 19.01
C THR D 64 -18.63 -2.47 19.82
N ALA D 65 -17.71 -2.53 20.80
CA ALA D 65 -17.27 -1.51 21.75
C ALA D 65 -16.23 -2.21 22.61
N ARG D 66 -15.68 -1.54 23.64
CA ARG D 66 -14.69 -2.20 24.50
C ARG D 66 -15.32 -3.06 25.60
N SER D 67 -16.47 -2.62 26.18
CA SER D 67 -17.14 -3.29 27.29
C SER D 67 -17.99 -4.51 26.88
N LYS D 68 -17.50 -5.72 27.16
CA LYS D 68 -18.23 -6.96 26.87
C LYS D 68 -19.54 -7.01 27.66
N GLU D 69 -19.46 -6.63 28.96
CA GLU D 69 -20.58 -6.61 29.91
C GLU D 69 -21.75 -5.82 29.35
N THR D 70 -21.46 -4.63 28.80
CA THR D 70 -22.45 -3.75 28.20
C THR D 70 -22.92 -4.28 26.84
N LEU D 71 -22.02 -4.89 26.06
CA LEU D 71 -22.35 -5.44 24.74
C LEU D 71 -23.38 -6.58 24.79
N GLN D 72 -23.26 -7.49 25.78
CA GLN D 72 -24.21 -8.60 25.96
C GLN D 72 -25.61 -8.08 26.29
N LYS D 73 -25.71 -7.03 27.14
CA LYS D 73 -26.98 -6.39 27.49
C LYS D 73 -27.67 -5.82 26.24
N VAL D 74 -26.90 -5.20 25.31
CA VAL D 74 -27.39 -4.70 24.02
C VAL D 74 -27.83 -5.92 23.16
N VAL D 75 -27.00 -6.99 23.11
CA VAL D 75 -27.30 -8.23 22.36
C VAL D 75 -28.62 -8.88 22.85
N SER D 76 -28.78 -9.03 24.19
CA SER D 76 -29.96 -9.59 24.85
C SER D 76 -31.21 -8.80 24.45
N HIS D 77 -31.14 -7.45 24.55
CA HIS D 77 -32.26 -6.56 24.20
C HIS D 77 -32.60 -6.57 22.71
N CYS D 78 -31.57 -6.68 21.81
CA CYS D 78 -31.75 -6.77 20.36
C CYS D 78 -32.62 -7.99 19.99
N LEU D 79 -32.30 -9.16 20.59
CA LEU D 79 -33.05 -10.41 20.36
C LEU D 79 -34.53 -10.28 20.79
N GLU D 80 -34.77 -9.64 21.97
CA GLU D 80 -36.11 -9.35 22.52
C GLU D 80 -36.95 -8.56 21.50
N LEU D 81 -36.33 -7.52 20.88
CA LEU D 81 -36.95 -6.62 19.90
C LEU D 81 -37.27 -7.28 18.55
N GLY D 82 -36.69 -8.45 18.32
CA GLY D 82 -36.95 -9.23 17.13
C GLY D 82 -35.87 -9.19 16.07
N ALA D 83 -34.59 -9.12 16.49
CA ALA D 83 -33.47 -9.14 15.54
C ALA D 83 -33.39 -10.54 14.95
N ALA D 84 -33.11 -10.65 13.65
CA ALA D 84 -32.95 -11.93 12.98
C ALA D 84 -31.83 -12.74 13.66
N SER D 85 -30.80 -12.03 14.16
CA SER D 85 -29.65 -12.52 14.94
C SER D 85 -28.89 -11.31 15.51
N ALA D 86 -28.18 -11.52 16.62
CA ALA D 86 -27.42 -10.49 17.32
C ALA D 86 -26.24 -11.13 18.01
N HIS D 87 -25.06 -10.56 17.79
CA HIS D 87 -23.80 -11.01 18.37
C HIS D 87 -22.97 -9.79 18.67
N TYR D 88 -21.97 -9.96 19.52
CA TYR D 88 -21.04 -8.89 19.83
C TYR D 88 -19.63 -9.45 19.73
N ILE D 89 -18.66 -8.56 19.51
CA ILE D 89 -17.22 -8.85 19.53
C ILE D 89 -16.66 -7.62 20.22
N ALA D 90 -16.02 -7.80 21.37
CA ALA D 90 -15.47 -6.69 22.15
C ALA D 90 -14.00 -6.46 21.78
N GLY D 91 -13.59 -5.20 21.81
CA GLY D 91 -12.21 -4.81 21.54
C GLY D 91 -12.04 -3.31 21.39
N THR D 92 -10.79 -2.87 21.32
CA THR D 92 -10.49 -1.46 21.16
C THR D 92 -10.13 -1.09 19.72
N MET D 93 -10.75 0.01 19.25
CA MET D 93 -10.50 0.54 17.92
C MET D 93 -9.17 1.34 17.84
N GLU D 94 -8.36 1.32 18.92
CA GLU D 94 -7.01 1.89 18.94
C GLU D 94 -6.09 0.85 18.29
N ASP D 95 -6.54 -0.42 18.22
CA ASP D 95 -5.82 -1.56 17.65
C ASP D 95 -6.29 -1.81 16.24
N MET D 96 -5.43 -1.50 15.26
CA MET D 96 -5.78 -1.66 13.85
C MET D 96 -6.00 -3.12 13.48
N THR D 97 -5.25 -4.04 14.13
CA THR D 97 -5.42 -5.47 13.89
C THR D 97 -6.75 -6.01 14.42
N PHE D 98 -7.24 -5.50 15.58
CA PHE D 98 -8.57 -5.89 16.04
C PHE D 98 -9.63 -5.42 14.98
N ALA D 99 -9.53 -4.14 14.52
CA ALA D 99 -10.47 -3.58 13.54
C ALA D 99 -10.58 -4.47 12.30
N GLU D 100 -9.44 -4.90 11.77
CA GLU D 100 -9.36 -5.77 10.60
C GLU D 100 -10.00 -7.15 10.88
N GLN D 101 -9.63 -7.77 12.02
CA GLN D 101 -10.14 -9.10 12.41
C GLN D 101 -11.61 -9.05 12.79
N PHE D 102 -12.06 -7.95 13.44
CA PHE D 102 -13.46 -7.78 13.83
C PHE D 102 -14.40 -7.89 12.62
N VAL D 103 -14.07 -7.22 11.52
CA VAL D 103 -14.91 -7.27 10.30
C VAL D 103 -15.03 -8.70 9.71
N ALA D 104 -13.89 -9.41 9.59
CA ALA D 104 -13.86 -10.78 9.07
C ALA D 104 -14.74 -11.69 9.94
N GLN D 105 -14.59 -11.58 11.28
CA GLN D 105 -15.38 -12.35 12.25
C GLN D 105 -16.87 -12.01 12.17
N ALA D 106 -17.22 -10.71 12.12
CA ALA D 106 -18.62 -10.27 12.00
C ALA D 106 -19.26 -10.78 10.70
N GLY D 107 -18.48 -10.77 9.63
CA GLY D 107 -18.91 -11.25 8.31
C GLY D 107 -19.22 -12.74 8.30
N LYS D 108 -18.40 -13.53 9.03
CA LYS D 108 -18.56 -14.98 9.19
C LYS D 108 -19.80 -15.28 10.04
N LEU D 109 -20.00 -14.52 11.15
CA LEU D 109 -21.15 -14.65 12.04
C LEU D 109 -22.50 -14.41 11.32
N MET D 110 -22.54 -13.47 10.37
CA MET D 110 -23.78 -13.15 9.65
C MET D 110 -23.88 -13.77 8.24
N GLY D 111 -22.77 -14.30 7.73
CA GLY D 111 -22.75 -14.85 6.37
C GLY D 111 -22.76 -13.76 5.32
N GLY D 112 -22.11 -12.64 5.65
CA GLY D 112 -22.01 -11.49 4.75
C GLY D 112 -22.18 -10.16 5.46
N LEU D 113 -22.28 -9.08 4.68
CA LEU D 113 -22.39 -7.71 5.19
C LEU D 113 -23.08 -6.82 4.19
N ASP D 114 -24.11 -6.11 4.66
CA ASP D 114 -24.90 -5.19 3.84
C ASP D 114 -24.64 -3.75 4.21
N MET D 115 -24.41 -3.48 5.49
CA MET D 115 -24.21 -2.13 5.99
C MET D 115 -23.14 -2.12 7.09
N LEU D 116 -22.19 -1.19 6.97
CA LEU D 116 -21.15 -0.97 7.97
C LEU D 116 -21.37 0.41 8.59
N ILE D 117 -21.87 0.44 9.83
CA ILE D 117 -22.12 1.70 10.52
C ILE D 117 -20.93 1.99 11.42
N LEU D 118 -20.16 3.05 11.07
CA LEU D 118 -18.93 3.50 11.77
C LEU D 118 -19.29 4.67 12.64
N ASN D 119 -19.33 4.43 13.95
CA ASN D 119 -19.87 5.33 14.96
C ASN D 119 -18.99 5.63 16.17
N HIS D 120 -18.11 4.70 16.55
CA HIS D 120 -17.24 4.88 17.71
C HIS D 120 -16.26 6.08 17.60
N ILE D 121 -15.88 6.67 18.75
CA ILE D 121 -14.90 7.73 18.90
C ILE D 121 -14.12 7.45 20.18
N THR D 122 -12.96 8.08 20.35
CA THR D 122 -12.24 7.97 21.61
C THR D 122 -12.88 8.99 22.58
N ASN D 123 -12.79 8.74 23.90
CA ASN D 123 -13.35 9.65 24.89
C ASN D 123 -12.76 11.04 24.74
N THR D 124 -13.62 12.03 24.66
CA THR D 124 -13.29 13.42 24.40
C THR D 124 -14.03 14.30 25.38
N SER D 125 -13.35 15.33 25.88
CA SER D 125 -13.90 16.35 26.75
C SER D 125 -13.62 17.73 26.13
N LEU D 126 -14.37 18.75 26.56
CA LEU D 126 -14.19 20.12 26.07
C LEU D 126 -13.03 20.77 26.78
N ASN D 127 -12.01 21.23 26.05
CA ASN D 127 -10.83 21.90 26.61
C ASN D 127 -10.18 22.81 25.60
N LEU D 128 -9.46 23.82 26.06
CA LEU D 128 -8.66 24.65 25.18
C LEU D 128 -7.44 23.80 24.81
N PHE D 129 -7.02 23.87 23.54
CA PHE D 129 -5.84 23.10 23.16
C PHE D 129 -4.57 23.83 23.63
N HIS D 130 -3.64 23.08 24.23
CA HIS D 130 -2.37 23.66 24.67
C HIS D 130 -1.18 22.88 24.08
N ASP D 131 -0.99 21.62 24.51
CA ASP D 131 0.12 20.79 24.07
C ASP D 131 -0.13 19.29 24.14
N ASP D 132 -1.40 18.87 24.26
CA ASP D 132 -1.73 17.44 24.32
C ASP D 132 -1.68 16.75 22.95
N ILE D 133 -0.45 16.50 22.44
CA ILE D 133 -0.21 15.83 21.15
C ILE D 133 -0.73 14.40 21.19
N HIS D 134 -0.55 13.73 22.35
CA HIS D 134 -1.01 12.35 22.53
C HIS D 134 -2.50 12.26 22.25
N HIS D 135 -3.28 13.20 22.77
CA HIS D 135 -4.72 13.22 22.56
C HIS D 135 -5.09 13.47 21.07
N VAL D 136 -4.32 14.34 20.37
CA VAL D 136 -4.55 14.60 18.94
C VAL D 136 -4.31 13.30 18.14
N ARG D 137 -3.20 12.63 18.44
CA ARG D 137 -2.85 11.37 17.78
C ARG D 137 -3.87 10.28 18.06
N LYS D 138 -4.28 10.12 19.33
CA LYS D 138 -5.27 9.12 19.72
C LYS D 138 -6.60 9.37 19.02
N SER D 139 -7.01 10.65 18.95
CA SER D 139 -8.24 11.05 18.23
C SER D 139 -8.14 10.67 16.78
N MET D 140 -6.98 10.95 16.14
CA MET D 140 -6.79 10.57 14.73
C MET D 140 -6.83 9.06 14.51
N GLU D 141 -6.20 8.28 15.39
CA GLU D 141 -6.17 6.82 15.29
C GLU D 141 -7.55 6.20 15.47
N VAL D 142 -8.22 6.57 16.57
CA VAL D 142 -9.54 5.99 16.89
C VAL D 142 -10.68 6.51 16.02
N ASN D 143 -10.82 7.84 15.93
CA ASN D 143 -11.93 8.48 15.21
C ASN D 143 -11.83 8.47 13.71
N PHE D 144 -10.60 8.31 13.18
CA PHE D 144 -10.39 8.34 11.76
C PHE D 144 -9.71 7.10 11.18
N LEU D 145 -8.46 6.80 11.57
CA LEU D 145 -7.70 5.67 11.01
C LEU D 145 -8.44 4.34 11.08
N SER D 146 -9.04 4.00 12.24
CA SER D 146 -9.81 2.75 12.37
C SER D 146 -10.95 2.67 11.37
N TYR D 147 -11.61 3.81 11.05
CA TYR D 147 -12.73 3.84 10.07
C TYR D 147 -12.23 3.40 8.72
N VAL D 148 -11.02 3.88 8.37
CA VAL D 148 -10.35 3.52 7.11
C VAL D 148 -10.04 2.02 7.14
N VAL D 149 -9.48 1.53 8.25
CA VAL D 149 -9.15 0.10 8.41
C VAL D 149 -10.40 -0.80 8.30
N LEU D 150 -11.49 -0.44 9.03
CA LEU D 150 -12.75 -1.17 8.97
C LEU D 150 -13.36 -1.16 7.55
N THR D 151 -13.21 -0.04 6.83
CA THR D 151 -13.70 0.08 5.45
C THR D 151 -12.95 -0.88 4.51
N VAL D 152 -11.63 -0.90 4.60
CA VAL D 152 -10.78 -1.79 3.78
C VAL D 152 -11.17 -3.26 4.03
N ALA D 153 -11.33 -3.65 5.30
CA ALA D 153 -11.71 -5.00 5.71
C ALA D 153 -13.13 -5.35 5.24
N ALA D 154 -14.05 -4.36 5.23
CA ALA D 154 -15.45 -4.58 4.85
C ALA D 154 -15.75 -4.56 3.37
N LEU D 155 -14.93 -3.83 2.58
CA LEU D 155 -15.20 -3.59 1.18
C LEU D 155 -15.55 -4.81 0.30
N PRO D 156 -14.78 -5.91 0.29
CA PRO D 156 -15.18 -7.04 -0.58
C PRO D 156 -16.60 -7.59 -0.34
N MET D 157 -17.05 -7.68 0.94
CA MET D 157 -18.40 -8.16 1.30
C MET D 157 -19.46 -7.17 0.87
N LEU D 158 -19.17 -5.87 1.03
CA LEU D 158 -20.06 -4.78 0.65
C LEU D 158 -20.18 -4.75 -0.85
N LYS D 159 -19.08 -5.02 -1.57
CA LYS D 159 -19.09 -5.10 -3.04
C LYS D 159 -20.03 -6.25 -3.47
N GLN D 160 -20.00 -7.39 -2.73
CA GLN D 160 -20.87 -8.54 -3.04
C GLN D 160 -22.35 -8.22 -2.88
N SER D 161 -22.70 -7.46 -1.84
CA SER D 161 -24.08 -7.12 -1.57
C SER D 161 -24.51 -5.77 -2.11
N ASN D 162 -23.60 -5.00 -2.78
CA ASN D 162 -23.87 -3.61 -3.22
C ASN D 162 -24.36 -2.83 -1.98
N GLY D 163 -23.62 -3.03 -0.89
CA GLY D 163 -23.91 -2.48 0.43
C GLY D 163 -23.61 -1.00 0.65
N SER D 164 -23.59 -0.63 1.93
CA SER D 164 -23.46 0.74 2.39
C SER D 164 -22.48 0.91 3.54
N ILE D 165 -21.78 2.06 3.54
CA ILE D 165 -20.88 2.48 4.61
C ILE D 165 -21.56 3.71 5.17
N VAL D 166 -21.78 3.73 6.49
CA VAL D 166 -22.40 4.85 7.18
C VAL D 166 -21.35 5.41 8.15
N VAL D 167 -20.92 6.65 7.90
CA VAL D 167 -19.89 7.30 8.69
C VAL D 167 -20.51 8.35 9.59
N VAL D 168 -20.44 8.15 10.91
CA VAL D 168 -21.02 9.11 11.82
C VAL D 168 -20.05 10.26 12.09
N SER D 169 -20.47 11.48 11.70
CA SER D 169 -19.65 12.67 11.91
C SER D 169 -20.38 13.69 12.81
N SER D 170 -20.11 14.97 12.64
CA SER D 170 -20.67 16.01 13.51
C SER D 170 -20.67 17.32 12.77
N LEU D 171 -21.41 18.30 13.30
CA LEU D 171 -21.37 19.68 12.81
C LEU D 171 -19.91 20.17 12.94
N ALA D 172 -19.19 19.72 14.02
CA ALA D 172 -17.77 20.11 14.25
C ALA D 172 -16.81 19.45 13.23
N GLY D 173 -17.35 18.63 12.35
CA GLY D 173 -16.68 18.03 11.22
C GLY D 173 -17.00 18.75 9.90
N LYS D 174 -17.75 19.89 9.96
CA LYS D 174 -18.08 20.72 8.78
C LYS D 174 -17.77 22.18 9.04
N VAL D 175 -17.81 22.57 10.32
CA VAL D 175 -17.68 23.95 10.77
C VAL D 175 -16.78 23.99 12.01
N ALA D 176 -16.10 25.11 12.24
CA ALA D 176 -15.18 25.25 13.36
C ALA D 176 -15.83 25.74 14.64
N TYR D 177 -15.56 25.02 15.73
CA TYR D 177 -15.99 25.35 17.08
C TYR D 177 -14.78 25.30 17.98
N PRO D 178 -14.67 26.19 18.99
CA PRO D 178 -13.55 26.06 19.93
C PRO D 178 -13.79 24.88 20.87
N LEU D 179 -12.71 24.41 21.57
CA LEU D 179 -12.73 23.38 22.61
C LEU D 179 -12.72 21.95 22.13
N VAL D 180 -12.78 21.73 20.82
CA VAL D 180 -12.85 20.39 20.20
C VAL D 180 -11.88 20.30 19.02
N ALA D 181 -10.71 20.91 19.11
CA ALA D 181 -9.72 20.94 18.02
C ALA D 181 -9.31 19.58 17.47
N ALA D 182 -8.89 18.66 18.33
CA ALA D 182 -8.48 17.31 17.91
C ALA D 182 -9.64 16.48 17.36
N TYR D 183 -10.80 16.59 18.02
CA TYR D 183 -12.05 15.91 17.63
C TYR D 183 -12.50 16.44 16.27
N SER D 184 -12.48 17.77 16.12
CA SER D 184 -12.85 18.45 14.88
C SER D 184 -11.95 18.02 13.72
N ALA D 185 -10.63 18.00 13.95
CA ALA D 185 -9.64 17.55 12.96
C ALA D 185 -10.00 16.13 12.47
N SER D 186 -10.26 15.21 13.40
CA SER D 186 -10.61 13.83 13.07
C SER D 186 -11.93 13.71 12.27
N LYS D 187 -12.91 14.56 12.56
CA LYS D 187 -14.22 14.56 11.88
C LYS D 187 -14.13 15.19 10.50
N PHE D 188 -13.32 16.27 10.38
CA PHE D 188 -13.02 16.87 9.07
C PHE D 188 -12.26 15.85 8.22
N ALA D 189 -11.28 15.11 8.81
CA ALA D 189 -10.50 14.08 8.08
C ALA D 189 -11.42 13.01 7.49
N LEU D 190 -12.46 12.60 8.24
CA LEU D 190 -13.43 11.61 7.75
C LEU D 190 -14.13 12.13 6.50
N ASP D 191 -14.54 13.43 6.50
CA ASP D 191 -15.20 14.05 5.37
C ASP D 191 -14.26 14.01 4.17
N GLY D 192 -13.04 14.50 4.35
CA GLY D 192 -12.05 14.50 3.27
C GLY D 192 -11.80 13.13 2.68
N PHE D 193 -11.54 12.14 3.55
CA PHE D 193 -11.26 10.78 3.10
C PHE D 193 -12.45 10.10 2.42
N PHE D 194 -13.59 10.01 3.11
CA PHE D 194 -14.76 9.31 2.58
C PHE D 194 -15.43 9.99 1.39
N SER D 195 -15.32 11.32 1.31
CA SER D 195 -15.87 12.02 0.15
C SER D 195 -15.01 11.77 -1.10
N SER D 196 -13.69 11.64 -0.89
CA SER D 196 -12.75 11.36 -1.99
C SER D 196 -12.95 9.94 -2.49
N ILE D 197 -13.09 9.00 -1.56
CA ILE D 197 -13.33 7.58 -1.82
C ILE D 197 -14.68 7.39 -2.56
N ARG D 198 -15.71 8.18 -2.20
CA ARG D 198 -16.99 8.14 -2.90
C ARG D 198 -16.81 8.49 -4.40
N LYS D 199 -15.99 9.52 -4.72
CA LYS D 199 -15.68 9.90 -6.12
C LYS D 199 -14.98 8.74 -6.86
N GLU D 200 -14.06 8.08 -6.18
CA GLU D 200 -13.29 6.94 -6.71
C GLU D 200 -14.20 5.75 -6.97
N TYR D 201 -15.17 5.50 -6.06
CA TYR D 201 -16.11 4.39 -6.23
C TYR D 201 -17.00 4.56 -7.47
N SER D 202 -17.39 5.82 -7.81
CA SER D 202 -18.21 6.10 -8.99
C SER D 202 -17.44 5.86 -10.30
N VAL D 203 -16.13 6.14 -10.31
CA VAL D 203 -15.30 5.92 -11.50
C VAL D 203 -14.88 4.46 -11.67
N SER D 204 -14.59 3.77 -10.55
CA SER D 204 -14.18 2.37 -10.57
C SER D 204 -15.38 1.41 -10.50
N ARG D 205 -16.61 1.95 -10.53
CA ARG D 205 -17.88 1.22 -10.48
C ARG D 205 -18.04 0.29 -9.27
N VAL D 206 -17.64 0.79 -8.10
CA VAL D 206 -17.79 0.11 -6.83
C VAL D 206 -19.17 0.57 -6.36
N ASN D 207 -20.16 -0.33 -6.45
CA ASN D 207 -21.56 -0.05 -6.13
C ASN D 207 -21.83 -0.11 -4.61
N VAL D 208 -21.01 0.62 -3.84
CA VAL D 208 -21.12 0.71 -2.38
C VAL D 208 -21.37 2.18 -2.05
N SER D 209 -22.47 2.48 -1.38
CA SER D 209 -22.77 3.87 -1.03
C SER D 209 -22.01 4.28 0.27
N ILE D 210 -21.78 5.58 0.42
CA ILE D 210 -21.10 6.17 1.58
C ILE D 210 -21.96 7.32 2.08
N THR D 211 -22.45 7.20 3.31
CA THR D 211 -23.29 8.18 3.97
C THR D 211 -22.53 8.86 5.09
N LEU D 212 -22.33 10.17 4.98
CA LEU D 212 -21.67 10.93 6.03
C LEU D 212 -22.79 11.58 6.87
N CYS D 213 -22.82 11.32 8.18
CA CYS D 213 -23.87 11.84 9.05
C CYS D 213 -23.37 13.02 9.85
N VAL D 214 -23.90 14.21 9.56
CA VAL D 214 -23.53 15.47 10.19
C VAL D 214 -24.52 15.76 11.31
N LEU D 215 -24.10 15.48 12.53
CA LEU D 215 -24.95 15.61 13.70
C LEU D 215 -24.65 16.81 14.55
N GLY D 216 -25.71 17.44 15.01
CA GLY D 216 -25.62 18.50 15.99
C GLY D 216 -25.57 17.84 17.36
N LEU D 217 -25.82 18.59 18.41
CA LEU D 217 -25.79 18.05 19.78
C LEU D 217 -26.91 17.02 20.01
N ILE D 218 -26.54 15.81 20.46
CA ILE D 218 -27.47 14.69 20.70
C ILE D 218 -27.48 14.37 22.19
N ASP D 219 -28.68 14.08 22.76
CA ASP D 219 -28.86 13.84 24.21
C ASP D 219 -28.30 12.54 24.79
N THR D 220 -27.11 12.12 24.36
CA THR D 220 -26.47 10.94 24.94
C THR D 220 -25.90 11.36 26.29
N GLU D 221 -25.78 10.39 27.22
CA GLU D 221 -25.24 10.61 28.56
C GLU D 221 -23.83 11.25 28.47
N THR D 222 -22.96 10.72 27.57
CA THR D 222 -21.63 11.28 27.32
C THR D 222 -21.69 12.76 26.93
N ALA D 223 -22.56 13.10 25.95
CA ALA D 223 -22.67 14.48 25.46
C ALA D 223 -23.23 15.41 26.52
N MET D 224 -24.27 14.99 27.26
CA MET D 224 -24.90 15.80 28.31
C MET D 224 -23.91 16.13 29.41
N LYS D 225 -23.08 15.14 29.81
CA LYS D 225 -22.04 15.33 30.83
C LYS D 225 -20.94 16.29 30.33
N ALA D 226 -20.42 16.08 29.10
CA ALA D 226 -19.33 16.90 28.53
C ALA D 226 -19.67 18.37 28.29
N VAL D 227 -20.89 18.62 27.80
CA VAL D 227 -21.42 19.91 27.36
C VAL D 227 -22.08 20.77 28.44
N SER D 228 -22.35 20.19 29.65
CA SER D 228 -22.98 20.86 30.79
C SER D 228 -22.16 22.06 31.29
N GLY D 229 -22.86 23.16 31.57
CA GLY D 229 -22.32 24.41 32.05
C GLY D 229 -21.34 25.11 31.14
N MET D 233 -26.94 24.37 25.52
CA MET D 233 -27.86 24.34 24.39
C MET D 233 -28.78 23.10 24.43
N GLN D 234 -29.78 23.09 23.54
CA GLN D 234 -30.72 22.00 23.39
C GLN D 234 -30.05 20.84 22.66
N ALA D 235 -30.34 19.61 23.09
CA ALA D 235 -29.79 18.45 22.42
C ALA D 235 -30.97 17.66 21.80
N ALA D 236 -30.78 17.22 20.54
CA ALA D 236 -31.75 16.43 19.81
C ALA D 236 -31.85 15.00 20.40
N PRO D 237 -33.00 14.29 20.26
CA PRO D 237 -33.12 12.95 20.85
C PRO D 237 -32.30 11.87 20.15
N LYS D 238 -31.65 11.00 20.93
CA LYS D 238 -30.79 9.93 20.42
C LYS D 238 -31.48 8.84 19.62
N GLU D 239 -32.74 8.50 19.98
CA GLU D 239 -33.55 7.48 19.30
C GLU D 239 -33.86 7.90 17.86
N GLU D 240 -34.35 9.12 17.69
CA GLU D 240 -34.69 9.61 16.35
C GLU D 240 -33.44 9.90 15.53
N CYS D 241 -32.32 10.29 16.19
CA CYS D 241 -31.02 10.50 15.54
C CYS D 241 -30.57 9.18 14.89
N ALA D 242 -30.62 8.09 15.67
CA ALA D 242 -30.29 6.72 15.26
C ALA D 242 -31.13 6.29 14.06
N LEU D 243 -32.44 6.58 14.10
CA LEU D 243 -33.34 6.24 13.02
C LEU D 243 -33.00 7.01 11.73
N GLU D 244 -32.69 8.34 11.85
CA GLU D 244 -32.33 9.16 10.69
C GLU D 244 -31.01 8.69 10.04
N ILE D 245 -30.06 8.19 10.86
CA ILE D 245 -28.79 7.66 10.38
C ILE D 245 -29.08 6.40 9.53
N ILE D 246 -29.86 5.45 10.09
CA ILE D 246 -30.26 4.22 9.42
C ILE D 246 -31.02 4.51 8.11
N LYS D 247 -31.99 5.45 8.14
CA LYS D 247 -32.79 5.84 6.96
C LYS D 247 -31.89 6.36 5.85
N GLY D 248 -30.97 7.26 6.20
CA GLY D 248 -30.04 7.82 5.22
C GLY D 248 -29.16 6.77 4.59
N GLY D 249 -28.64 5.87 5.41
CA GLY D 249 -27.81 4.76 4.94
C GLY D 249 -28.60 3.84 4.04
N ALA D 250 -29.82 3.44 4.46
CA ALA D 250 -30.70 2.56 3.69
C ALA D 250 -31.07 3.21 2.34
N LEU D 251 -31.27 4.55 2.34
CA LEU D 251 -31.60 5.31 1.14
C LEU D 251 -30.38 5.69 0.33
N ARG D 252 -29.16 5.30 0.81
CA ARG D 252 -27.90 5.54 0.10
C ARG D 252 -27.66 7.03 -0.12
N GLN D 253 -28.08 7.85 0.84
CA GLN D 253 -27.89 9.29 0.77
C GLN D 253 -26.41 9.59 1.03
N GLU D 254 -25.87 10.59 0.35
CA GLU D 254 -24.49 10.97 0.54
C GLU D 254 -24.27 11.60 1.91
N GLU D 255 -25.22 12.42 2.37
CA GLU D 255 -25.16 13.10 3.67
C GLU D 255 -26.49 13.06 4.40
N VAL D 256 -26.43 12.90 5.72
CA VAL D 256 -27.58 12.96 6.63
C VAL D 256 -27.27 14.15 7.54
N TYR D 257 -28.25 15.02 7.71
CA TYR D 257 -28.13 16.20 8.56
C TYR D 257 -29.15 16.04 9.68
N TYR D 258 -28.68 16.08 10.94
CA TYR D 258 -29.55 15.93 12.10
C TYR D 258 -29.12 16.83 13.24
N ASP D 259 -29.91 17.86 13.52
CA ASP D 259 -29.68 18.83 14.59
C ASP D 259 -31.05 19.35 15.07
N SER D 260 -31.07 19.88 16.30
CA SER D 260 -32.28 20.41 16.93
C SER D 260 -32.66 21.80 16.40
N SER D 261 -31.69 22.55 15.84
CA SER D 261 -31.91 23.87 15.27
C SER D 261 -32.29 23.80 13.77
N ARG D 262 -33.42 24.43 13.43
CA ARG D 262 -33.92 24.51 12.08
C ARG D 262 -32.98 25.34 11.20
N TRP D 263 -32.33 26.37 11.79
CA TRP D 263 -31.38 27.27 11.13
C TRP D 263 -30.11 26.54 10.70
N THR D 264 -29.58 25.64 11.55
CA THR D 264 -28.36 24.91 11.19
C THR D 264 -28.61 24.00 10.00
N THR D 265 -29.79 23.35 9.93
CA THR D 265 -30.20 22.47 8.81
C THR D 265 -30.18 23.23 7.45
N LEU D 266 -30.59 24.52 7.48
CA LEU D 266 -30.63 25.45 6.35
C LEU D 266 -29.23 25.87 5.91
N LEU D 267 -28.31 26.11 6.88
CA LEU D 267 -26.95 26.59 6.62
C LEU D 267 -25.91 25.53 6.36
N ILE D 268 -26.14 24.31 6.83
CA ILE D 268 -25.18 23.23 6.71
C ILE D 268 -24.83 22.76 5.30
N ARG D 269 -25.79 22.80 4.36
CA ARG D 269 -25.52 22.33 3.01
C ARG D 269 -24.57 23.26 2.30
N ASN D 270 -23.66 22.69 1.50
CA ASN D 270 -22.68 23.49 0.80
C ASN D 270 -22.82 23.23 -0.69
N PRO D 271 -23.81 23.88 -1.37
CA PRO D 271 -24.02 23.64 -2.80
C PRO D 271 -22.84 24.03 -3.69
N SER D 272 -22.10 25.08 -3.33
CA SER D 272 -20.94 25.51 -4.10
C SER D 272 -19.84 24.43 -4.10
N ARG D 273 -19.66 23.70 -2.98
CA ARG D 273 -18.73 22.57 -2.92
C ARG D 273 -19.13 21.51 -3.95
N LYS D 274 -20.42 21.09 -3.95
CA LYS D 274 -20.97 20.12 -4.90
C LYS D 274 -20.74 20.55 -6.36
N ILE D 275 -20.96 21.84 -6.68
CA ILE D 275 -20.74 22.35 -8.04
C ILE D 275 -19.26 22.25 -8.38
N LEU D 276 -18.40 22.70 -7.47
CA LEU D 276 -16.95 22.66 -7.67
C LEU D 276 -16.40 21.22 -7.90
N GLU D 277 -17.02 20.21 -7.26
CA GLU D 277 -16.64 18.81 -7.45
C GLU D 277 -17.12 18.28 -8.81
N GLU D 278 -18.35 18.65 -9.22
CA GLU D 278 -18.96 18.25 -10.49
C GLU D 278 -18.27 18.91 -11.67
N LEU D 279 -17.86 20.18 -11.53
CA LEU D 279 -17.27 20.96 -12.61
C LEU D 279 -15.88 20.49 -13.13
N TYR D 280 -15.20 19.63 -12.35
CA TYR D 280 -13.91 19.10 -12.77
C TYR D 280 -13.85 17.58 -12.85
N SER D 281 -14.99 16.89 -12.56
CA SER D 281 -15.14 15.45 -12.65
C SER D 281 -14.79 14.89 -14.04
N THR D 282 -15.03 15.68 -15.11
CA THR D 282 -14.72 15.30 -16.50
C THR D 282 -13.26 15.60 -16.86
N SER D 283 -12.68 16.69 -16.30
CA SER D 283 -11.30 17.16 -16.52
C SER D 283 -10.20 16.08 -16.28
N TYR D 284 -10.59 14.88 -15.81
CA TYR D 284 -9.64 13.82 -15.52
C TYR D 284 -9.64 12.70 -16.55
N ASN D 285 -8.43 12.27 -16.91
CA ASN D 285 -8.16 11.15 -17.79
C ASN D 285 -7.97 9.95 -16.84
N MET D 286 -9.09 9.26 -16.55
CA MET D 286 -9.12 8.12 -15.63
C MET D 286 -8.76 6.78 -16.27
N ASP D 287 -8.67 6.74 -17.62
CA ASP D 287 -8.35 5.52 -18.40
C ASP D 287 -7.20 4.68 -17.84
N ARG D 288 -6.31 5.34 -17.08
CA ARG D 288 -5.12 4.78 -16.42
C ARG D 288 -5.47 3.99 -15.16
N PHE D 289 -6.56 4.37 -14.47
CA PHE D 289 -6.99 3.78 -13.20
C PHE D 289 -8.23 2.87 -13.32
N ILE D 290 -8.96 2.98 -14.44
CA ILE D 290 -10.18 2.20 -14.69
C ILE D 290 -10.11 1.37 -15.96
#